data_2YPV
#
_entry.id   2YPV
#
_cell.length_a   58.800
_cell.length_b   81.850
_cell.length_c   152.750
_cell.angle_alpha   90.00
_cell.angle_beta   90.00
_cell.angle_gamma   90.00
#
_symmetry.space_group_name_H-M   'P 21 21 21'
#
loop_
_entity.id
_entity.type
_entity.pdbx_description
1 polymer LIPOPROTEIN
2 polymer 'FAB 12C1'
3 polymer 'FAB 12C1'
4 non-polymer 1,2-ETHANEDIOL
5 water water
#
loop_
_entity_poly.entity_id
_entity_poly.type
_entity_poly.pdbx_seq_one_letter_code
_entity_poly.pdbx_strand_id
1 'polypeptide(L)'
;GGGGVAADIGAGLADALTAPLDHKDKGLQSLTLDQSVRKNEKLKLAAQGAEKTYGNGDSLNTGKLKNDKVSRFDFIRQIE
VDGQLITLESGEFQVYKQSHSALTAFQTEQIQDSEHSGKMVAKRQFRIGDIAGEHTSFDKLPEGGRATYRGTAFGSDDAG
GKLTYTIDFAAKQGNGKIEHLKSPELNVDLAAADIKPDGKRHAVISGSVLYNQAEKGSYSLGIFGGKAQEVAGSAEVKTV
NGIRHIGLAAKQL
;
A
2 'polypeptide(L)'
;QVQLQESGPELVKPGASVKISCKASGYSFSDYNMSWVKQSNGKSLEWIGIIDPKYGTINYNQKFKGKATLTVDQASSTAY
MQLNSLTSEDSAVYYCVRDYYGSSYFDYWGQGTTLTVSSAKTTPPSVYPLAPGCGDTTGSSVTLGCLVKGYFPESVTVTW
NSGSLSSSVHTFPALLQSGLYTMSSSVTVPSSTWPSQTVTCSVAHPASSTTVDKKLCR
;
H
3 'polypeptide(L)'
;DIVLTQSPSSIYASLGERVTLTCKASQDIHNYLNWFQQKPGKSPKTLIYRANRLVDGVPSRFSGGGSGQDYSLTISSLEF
EDIGIYYCLQYDEFPPTFGGGTRLEIKRADAAPTVSIFPPSSEQLTSGGASVVCFLNNFYPKDINVKWKIDGSERQNGVL
NSWTDQDSKDSTYSMSSTLTLTKDEYERHNSYTCEATHKTSTSPIVKSFNRNEC
;
L
#
loop_
_chem_comp.id
_chem_comp.type
_chem_comp.name
_chem_comp.formula
EDO non-polymer 1,2-ETHANEDIOL 'C2 H6 O2'
#
# COMPACT_ATOMS: atom_id res chain seq x y z
N GLY A 12 17.65 -44.66 4.63
CA GLY A 12 16.33 -44.28 5.13
C GLY A 12 15.86 -43.00 4.43
N LEU A 13 16.54 -41.90 4.72
CA LEU A 13 16.38 -40.66 3.98
C LEU A 13 16.82 -40.89 2.52
N ALA A 14 17.93 -41.58 2.34
CA ALA A 14 18.43 -41.90 1.00
C ALA A 14 17.45 -42.79 0.24
N ASP A 15 16.86 -43.75 0.95
CA ASP A 15 15.86 -44.65 0.33
C ASP A 15 14.62 -43.87 -0.10
N ALA A 16 14.20 -42.91 0.73
CA ALA A 16 13.12 -41.99 0.37
C ALA A 16 13.42 -41.29 -0.97
N LEU A 17 14.69 -40.94 -1.18
CA LEU A 17 15.12 -40.22 -2.38
C LEU A 17 15.37 -41.13 -3.58
N THR A 18 15.71 -42.40 -3.33
CA THR A 18 16.13 -43.32 -4.41
C THR A 18 15.15 -44.46 -4.70
N ALA A 19 14.61 -45.07 -3.65
CA ALA A 19 13.70 -46.20 -3.81
C ALA A 19 12.43 -45.81 -4.57
N PRO A 20 11.83 -46.79 -5.29
CA PRO A 20 10.49 -46.64 -5.84
C PRO A 20 9.50 -46.83 -4.70
N LEU A 21 8.24 -46.49 -4.91
CA LEU A 21 7.21 -46.78 -3.92
C LEU A 21 7.21 -48.26 -3.55
N ASP A 22 6.70 -48.57 -2.36
CA ASP A 22 6.56 -49.95 -1.96
C ASP A 22 5.21 -50.04 -1.24
N HIS A 23 4.24 -50.65 -1.92
CA HIS A 23 2.89 -50.87 -1.39
C HIS A 23 2.88 -51.38 0.06
N LYS A 24 3.96 -52.06 0.44
CA LYS A 24 4.15 -52.63 1.78
C LYS A 24 4.80 -51.69 2.81
N ASP A 25 5.39 -50.59 2.35
CA ASP A 25 5.89 -49.55 3.25
C ASP A 25 4.75 -48.94 4.07
N LYS A 26 5.04 -48.48 5.29
CA LYS A 26 4.05 -47.82 6.13
C LYS A 26 3.61 -46.54 5.41
N GLY A 27 2.31 -46.36 5.22
CA GLY A 27 1.79 -45.07 4.78
C GLY A 27 2.13 -43.99 5.82
N LEU A 28 2.09 -42.72 5.45
CA LEU A 28 1.70 -42.25 4.12
C LEU A 28 2.82 -42.52 3.16
N GLN A 29 2.48 -43.16 2.04
CA GLN A 29 3.48 -43.67 1.12
C GLN A 29 4.08 -42.62 0.22
N SER A 30 3.25 -41.67 -0.21
CA SER A 30 3.71 -40.60 -1.10
C SER A 30 3.09 -39.24 -0.79
N LEU A 31 3.78 -38.19 -1.19
CA LEU A 31 3.35 -36.83 -0.95
C LEU A 31 3.65 -36.08 -2.23
N THR A 32 2.64 -35.42 -2.80
CA THR A 32 2.88 -34.58 -3.96
C THR A 32 3.35 -33.19 -3.61
N LEU A 33 4.53 -32.86 -4.14
CA LEU A 33 5.15 -31.56 -3.97
C LEU A 33 4.54 -30.55 -4.94
N ASP A 34 3.87 -29.55 -4.36
CA ASP A 34 3.15 -28.55 -5.13
C ASP A 34 3.66 -27.19 -4.68
N GLN A 35 3.25 -26.76 -3.48
CA GLN A 35 3.74 -25.50 -2.93
C GLN A 35 5.25 -25.58 -2.76
N SER A 36 5.76 -26.79 -2.48
CA SER A 36 7.18 -26.95 -2.15
C SER A 36 8.14 -26.65 -3.29
N VAL A 37 7.67 -26.79 -4.52
CA VAL A 37 8.51 -26.51 -5.69
C VAL A 37 7.61 -25.93 -6.80
N ARG A 38 7.71 -24.62 -7.03
CA ARG A 38 6.80 -23.96 -7.97
C ARG A 38 7.07 -24.27 -9.46
N LYS A 39 6.21 -23.77 -10.34
CA LYS A 39 6.18 -24.13 -11.77
C LYS A 39 7.52 -24.29 -12.50
N ASN A 40 8.43 -23.34 -12.32
CA ASN A 40 9.70 -23.41 -13.06
C ASN A 40 10.90 -23.52 -12.13
N GLU A 41 10.66 -24.17 -11.00
CA GLU A 41 11.73 -24.39 -10.05
C GLU A 41 12.10 -25.87 -10.10
N LYS A 42 13.32 -26.16 -9.67
CA LYS A 42 13.72 -27.51 -9.38
C LYS A 42 14.18 -27.54 -7.94
N LEU A 43 13.80 -28.58 -7.22
CA LEU A 43 14.18 -28.72 -5.83
C LEU A 43 15.08 -29.93 -5.67
N LYS A 44 16.35 -29.68 -5.38
CA LYS A 44 17.31 -30.74 -5.15
C LYS A 44 17.34 -31.04 -3.65
N LEU A 45 16.91 -32.26 -3.29
CA LEU A 45 16.99 -32.76 -1.91
C LEU A 45 18.15 -33.73 -1.80
N ALA A 46 18.92 -33.61 -0.73
CA ALA A 46 20.02 -34.54 -0.46
C ALA A 46 20.07 -35.00 0.98
N ALA A 47 20.38 -36.27 1.15
CA ALA A 47 20.62 -36.81 2.48
C ALA A 47 21.42 -38.10 2.36
N GLN A 48 22.35 -38.31 3.30
CA GLN A 48 22.99 -39.62 3.47
C GLN A 48 23.68 -40.09 2.18
N GLY A 49 24.20 -39.14 1.41
CA GLY A 49 24.87 -39.47 0.16
C GLY A 49 24.03 -39.45 -1.09
N ALA A 50 22.71 -39.50 -0.93
CA ALA A 50 21.86 -39.49 -2.12
C ALA A 50 21.30 -38.09 -2.40
N GLU A 51 20.85 -37.91 -3.65
CA GLU A 51 20.23 -36.69 -4.14
C GLU A 51 19.09 -37.09 -5.06
N LYS A 52 17.96 -36.42 -4.94
CA LYS A 52 16.95 -36.45 -6.00
C LYS A 52 16.40 -35.06 -6.26
N THR A 53 16.03 -34.81 -7.51
CA THR A 53 15.50 -33.52 -7.94
C THR A 53 14.00 -33.62 -8.35
N TYR A 54 13.21 -32.66 -7.89
CA TYR A 54 11.79 -32.50 -8.17
C TYR A 54 11.67 -31.01 -8.63
N GLY A 55 10.70 -30.61 -9.46
CA GLY A 55 9.57 -31.38 -9.89
C GLY A 55 8.27 -30.89 -9.31
N ASN A 56 7.78 -29.71 -9.73
CA ASN A 56 6.41 -29.38 -9.33
C ASN A 56 5.52 -30.49 -9.81
N GLY A 57 4.63 -30.96 -8.94
CA GLY A 57 3.79 -32.09 -9.26
C GLY A 57 4.41 -33.41 -8.83
N ASP A 58 5.74 -33.45 -8.71
CA ASP A 58 6.41 -34.72 -8.39
C ASP A 58 6.08 -35.31 -7.02
N SER A 59 6.20 -36.62 -6.93
CA SER A 59 5.85 -37.33 -5.71
C SER A 59 7.09 -37.58 -4.81
N LEU A 60 6.95 -37.34 -3.51
CA LEU A 60 8.03 -37.60 -2.57
C LEU A 60 7.76 -38.92 -1.86
N ASN A 61 8.73 -39.84 -1.88
CA ASN A 61 8.47 -41.16 -1.33
C ASN A 61 8.53 -41.16 0.20
N THR A 62 7.44 -40.75 0.83
CA THR A 62 7.45 -40.63 2.28
C THR A 62 7.35 -42.01 2.91
N GLY A 63 7.02 -43.02 2.13
CA GLY A 63 6.88 -44.38 2.66
C GLY A 63 8.14 -44.89 3.35
N LYS A 64 9.29 -44.44 2.86
CA LYS A 64 10.59 -44.83 3.41
C LYS A 64 10.98 -44.08 4.70
N LEU A 65 10.22 -43.06 5.06
CA LEU A 65 10.55 -42.23 6.20
C LEU A 65 9.89 -42.75 7.47
N LYS A 66 10.42 -42.37 8.62
CA LYS A 66 9.82 -42.79 9.89
C LYS A 66 8.56 -42.00 10.23
N ASN A 67 7.50 -42.69 10.63
CA ASN A 67 6.31 -41.99 11.08
C ASN A 67 6.56 -41.19 12.36
N ASP A 68 5.84 -40.08 12.49
CA ASP A 68 5.79 -39.31 13.74
C ASP A 68 7.11 -38.66 14.11
N LYS A 69 7.89 -38.32 13.10
CA LYS A 69 9.18 -37.66 13.29
C LYS A 69 9.43 -36.70 12.14
N VAL A 70 10.29 -35.71 12.37
CA VAL A 70 10.74 -34.85 11.28
C VAL A 70 11.97 -35.48 10.62
N SER A 71 11.91 -35.68 9.30
CA SER A 71 13.07 -36.11 8.54
C SER A 71 13.69 -34.88 7.87
N ARG A 72 15.02 -34.78 7.89
CA ARG A 72 15.69 -33.61 7.35
C ARG A 72 16.53 -33.93 6.12
N PHE A 73 16.45 -33.04 5.13
CA PHE A 73 17.25 -33.12 3.92
C PHE A 73 17.89 -31.77 3.71
N ASP A 74 19.04 -31.74 3.05
CA ASP A 74 19.61 -30.50 2.56
C ASP A 74 18.83 -30.16 1.31
N PHE A 75 18.50 -28.89 1.13
CA PHE A 75 17.79 -28.52 -0.08
C PHE A 75 18.48 -27.38 -0.82
N ILE A 76 18.28 -27.36 -2.12
CA ILE A 76 18.76 -26.31 -2.98
C ILE A 76 17.60 -26.08 -3.92
N ARG A 77 17.07 -24.87 -3.88
CA ARG A 77 15.98 -24.51 -4.78
C ARG A 77 16.56 -23.72 -5.91
N GLN A 78 16.18 -24.07 -7.12
CA GLN A 78 16.82 -23.47 -8.29
C GLN A 78 15.81 -23.16 -9.37
N ILE A 79 16.20 -22.28 -10.30
CA ILE A 79 15.36 -21.95 -11.44
C ILE A 79 16.20 -21.94 -12.72
N LEU A 85 20.49 -23.97 -14.81
CA LEU A 85 19.97 -23.93 -13.44
C LEU A 85 20.80 -23.05 -12.53
N ILE A 86 20.12 -22.13 -11.85
CA ILE A 86 20.77 -21.17 -10.95
C ILE A 86 20.16 -21.30 -9.54
N THR A 87 21.00 -21.23 -8.50
CA THR A 87 20.57 -21.41 -7.12
C THR A 87 19.99 -20.15 -6.47
N LEU A 88 18.74 -20.23 -6.00
CA LEU A 88 18.11 -19.13 -5.28
C LEU A 88 18.39 -19.22 -3.80
N GLU A 89 17.92 -20.30 -3.20
CA GLU A 89 18.08 -20.46 -1.77
C GLU A 89 18.44 -21.90 -1.43
N SER A 90 19.06 -22.06 -0.28
CA SER A 90 19.38 -23.37 0.23
C SER A 90 19.16 -23.37 1.73
N GLY A 91 19.01 -24.55 2.29
CA GLY A 91 18.95 -24.71 3.73
C GLY A 91 18.52 -26.13 3.97
N GLU A 92 17.58 -26.29 4.89
CA GLU A 92 17.13 -27.60 5.31
C GLU A 92 15.64 -27.74 4.99
N PHE A 93 15.30 -28.87 4.39
CA PHE A 93 13.91 -29.21 4.04
C PHE A 93 13.44 -30.23 5.04
N GLN A 94 12.27 -29.97 5.65
CA GLN A 94 11.81 -30.84 6.71
C GLN A 94 10.51 -31.50 6.31
N VAL A 95 10.38 -32.80 6.62
CA VAL A 95 9.16 -33.57 6.30
C VAL A 95 8.68 -34.25 7.56
N TYR A 96 7.40 -34.06 7.90
CA TYR A 96 6.83 -34.79 9.03
C TYR A 96 5.78 -35.75 8.51
N LYS A 97 5.90 -37.04 8.83
CA LYS A 97 5.06 -38.09 8.23
C LYS A 97 4.12 -38.69 9.28
N GLN A 98 2.84 -38.74 8.93
CA GLN A 98 1.89 -39.57 9.68
C GLN A 98 1.38 -40.68 8.74
N SER A 99 0.34 -41.40 9.13
CA SER A 99 -0.14 -42.54 8.33
C SER A 99 -1.05 -42.13 7.19
N HIS A 100 -1.69 -40.97 7.31
CA HIS A 100 -2.64 -40.54 6.29
C HIS A 100 -2.43 -39.11 5.87
N SER A 101 -1.36 -38.49 6.35
CA SER A 101 -1.10 -37.09 6.12
C SER A 101 0.39 -36.88 6.37
N ALA A 102 0.91 -35.76 5.88
CA ALA A 102 2.30 -35.42 6.04
C ALA A 102 2.39 -33.95 5.65
N LEU A 103 3.45 -33.28 6.09
CA LEU A 103 3.67 -31.93 5.63
C LEU A 103 5.16 -31.65 5.50
N THR A 104 5.50 -30.58 4.78
CA THR A 104 6.88 -30.23 4.56
C THR A 104 7.11 -28.78 4.98
N ALA A 105 8.36 -28.42 5.26
CA ALA A 105 8.69 -27.04 5.62
C ALA A 105 10.10 -26.73 5.16
N PHE A 106 10.41 -25.46 4.97
CA PHE A 106 11.73 -25.07 4.54
C PHE A 106 12.33 -24.13 5.56
N GLN A 107 13.54 -24.47 6.02
CA GLN A 107 14.38 -23.58 6.82
C GLN A 107 15.44 -23.04 5.87
N THR A 108 15.17 -21.89 5.28
CA THR A 108 16.16 -21.18 4.47
C THR A 108 17.38 -20.84 5.36
N GLU A 109 18.60 -20.93 4.80
CA GLU A 109 19.80 -20.57 5.58
C GLU A 109 20.68 -19.57 4.87
N GLN A 110 20.66 -19.66 3.55
CA GLN A 110 21.50 -18.89 2.65
C GLN A 110 20.67 -18.51 1.44
N ILE A 111 20.98 -17.37 0.86
CA ILE A 111 20.31 -16.95 -0.37
C ILE A 111 21.30 -16.19 -1.25
N MET A 120 26.74 -16.17 -1.94
CA MET A 120 25.73 -16.52 -0.93
C MET A 120 25.93 -15.77 0.39
N VAL A 121 24.80 -15.48 1.06
CA VAL A 121 24.73 -14.64 2.24
C VAL A 121 23.74 -15.24 3.27
N ALA A 122 24.19 -15.38 4.52
CA ALA A 122 23.35 -15.93 5.58
C ALA A 122 22.05 -15.16 5.67
N LYS A 123 20.93 -15.87 5.71
CA LYS A 123 19.60 -15.28 5.85
C LYS A 123 18.58 -16.39 6.13
N ARG A 124 17.92 -16.31 7.28
CA ARG A 124 17.08 -17.42 7.72
C ARG A 124 15.59 -17.07 7.66
N GLN A 125 14.78 -18.03 7.17
CA GLN A 125 13.34 -17.91 7.28
C GLN A 125 12.77 -19.32 7.29
N PHE A 126 11.73 -19.53 8.09
CA PHE A 126 11.04 -20.83 8.16
C PHE A 126 9.62 -20.71 7.61
N ARG A 127 9.29 -21.52 6.61
CA ARG A 127 7.98 -21.46 5.98
C ARG A 127 7.47 -22.86 5.62
N ILE A 128 6.18 -23.08 5.85
CA ILE A 128 5.54 -24.38 5.51
C ILE A 128 5.51 -24.56 4.01
N GLY A 129 5.61 -25.82 3.57
CA GLY A 129 5.57 -26.14 2.16
C GLY A 129 4.21 -26.68 1.79
N ASP A 130 4.09 -28.01 1.74
CA ASP A 130 2.81 -28.62 1.39
C ASP A 130 2.22 -29.28 2.62
N ILE A 131 0.90 -29.27 2.71
CA ILE A 131 0.20 -30.09 3.69
C ILE A 131 -0.60 -31.06 2.84
N ALA A 132 -0.33 -32.36 2.98
CA ALA A 132 -0.92 -33.31 2.03
C ALA A 132 -1.38 -34.57 2.70
N GLY A 133 -2.14 -35.36 1.98
CA GLY A 133 -2.58 -36.64 2.54
C GLY A 133 -3.89 -37.06 1.95
N GLU A 134 -4.52 -38.04 2.60
CA GLU A 134 -5.86 -38.49 2.19
C GLU A 134 -6.87 -37.67 2.97
N HIS A 135 -7.32 -36.57 2.37
CA HIS A 135 -8.22 -35.65 3.08
C HIS A 135 -9.51 -36.36 3.35
N THR A 136 -10.04 -36.17 4.56
CA THR A 136 -11.36 -36.67 4.93
C THR A 136 -12.38 -35.76 4.28
N SER A 137 -13.35 -36.34 3.59
CA SER A 137 -14.41 -35.53 3.00
C SER A 137 -15.29 -34.89 4.07
N PHE A 138 -15.61 -33.60 3.92
CA PHE A 138 -16.53 -32.93 4.85
C PHE A 138 -17.88 -33.65 4.88
N ASP A 139 -18.23 -34.26 3.76
CA ASP A 139 -19.51 -34.98 3.67
C ASP A 139 -19.48 -36.40 4.19
N LYS A 140 -18.32 -36.84 4.66
CA LYS A 140 -18.20 -38.21 5.16
C LYS A 140 -17.47 -38.21 6.50
N LEU A 141 -17.70 -37.18 7.31
CA LEU A 141 -17.11 -37.12 8.64
C LEU A 141 -17.90 -38.03 9.57
N PRO A 142 -17.28 -38.46 10.68
CA PRO A 142 -18.07 -39.09 11.76
C PRO A 142 -19.25 -38.21 12.14
N GLU A 143 -20.36 -38.85 12.49
CA GLU A 143 -21.60 -38.13 12.75
C GLU A 143 -21.64 -37.64 14.18
N GLY A 144 -20.76 -38.17 15.02
CA GLY A 144 -20.72 -37.73 16.40
C GLY A 144 -19.51 -38.27 17.10
N GLY A 145 -19.44 -37.98 18.40
CA GLY A 145 -18.32 -38.42 19.21
C GLY A 145 -17.24 -37.35 19.30
N ARG A 146 -16.36 -37.48 20.29
CA ARG A 146 -15.28 -36.49 20.52
C ARG A 146 -13.94 -37.20 20.33
N ALA A 147 -13.10 -36.68 19.42
CA ALA A 147 -11.79 -37.28 19.17
C ALA A 147 -10.66 -36.39 19.67
N THR A 148 -9.68 -36.98 20.34
CA THR A 148 -8.49 -36.26 20.77
C THR A 148 -7.28 -36.65 19.92
N TYR A 149 -6.50 -35.66 19.47
CA TYR A 149 -5.34 -35.89 18.62
C TYR A 149 -4.14 -35.37 19.37
N ARG A 150 -3.02 -36.08 19.27
CA ARG A 150 -1.83 -35.70 19.94
C ARG A 150 -0.70 -35.83 18.91
N GLY A 151 0.17 -34.83 18.85
CA GLY A 151 1.25 -34.89 17.88
C GLY A 151 2.27 -33.80 18.12
N THR A 152 2.84 -33.32 17.02
CA THR A 152 3.99 -32.42 17.06
C THR A 152 3.67 -31.06 16.50
N ALA A 153 4.24 -30.03 17.12
CA ALA A 153 4.27 -28.67 16.58
C ALA A 153 5.74 -28.37 16.32
N PHE A 154 6.09 -27.99 15.11
CA PHE A 154 7.49 -27.69 14.84
C PHE A 154 7.66 -26.36 14.14
N GLY A 155 8.67 -25.61 14.56
CA GLY A 155 8.97 -24.32 13.96
C GLY A 155 10.48 -24.20 13.77
N SER A 156 10.97 -23.00 13.51
CA SER A 156 12.38 -22.81 13.23
C SER A 156 13.20 -23.33 14.40
N ASP A 157 14.16 -24.19 14.07
CA ASP A 157 15.12 -24.73 15.04
C ASP A 157 14.49 -25.44 16.19
N ASP A 158 13.26 -25.92 16.03
CA ASP A 158 12.57 -26.49 17.18
C ASP A 158 11.50 -27.48 16.74
N ALA A 159 11.79 -28.76 16.80
CA ALA A 159 10.77 -29.76 16.51
C ALA A 159 10.23 -30.44 17.78
N GLY A 160 10.38 -29.76 18.92
CA GLY A 160 9.91 -30.36 20.16
C GLY A 160 8.58 -29.89 20.70
N GLY A 161 7.80 -29.17 19.89
CA GLY A 161 6.51 -28.71 20.38
C GLY A 161 5.49 -29.84 20.45
N LYS A 162 4.53 -29.74 21.35
CA LYS A 162 3.49 -30.74 21.43
C LYS A 162 2.17 -30.13 20.99
N LEU A 163 1.48 -30.82 20.09
CA LEU A 163 0.15 -30.37 19.68
C LEU A 163 -0.90 -31.28 20.33
N THR A 164 -1.88 -30.67 20.99
CA THR A 164 -3.06 -31.41 21.40
C THR A 164 -4.26 -30.77 20.73
N TYR A 165 -5.12 -31.58 20.15
CA TYR A 165 -6.27 -31.00 19.45
C TYR A 165 -7.48 -31.89 19.66
N THR A 166 -8.67 -31.30 19.78
CA THR A 166 -9.87 -32.07 20.05
C THR A 166 -10.92 -31.67 19.04
N ILE A 167 -11.55 -32.68 18.41
CA ILE A 167 -12.65 -32.39 17.51
C ILE A 167 -13.93 -33.01 18.05
N ASP A 168 -14.99 -32.21 18.13
CA ASP A 168 -16.32 -32.75 18.46
C ASP A 168 -17.10 -32.89 17.17
N PHE A 169 -17.43 -34.13 16.80
CA PHE A 169 -18.02 -34.35 15.49
C PHE A 169 -19.49 -34.10 15.47
N ALA A 170 -20.11 -34.00 16.66
CA ALA A 170 -21.52 -33.64 16.73
C ALA A 170 -21.69 -32.16 16.50
N ALA A 171 -20.83 -31.38 17.14
CA ALA A 171 -20.80 -29.93 16.96
C ALA A 171 -20.07 -29.50 15.66
N LYS A 172 -19.22 -30.39 15.12
CA LYS A 172 -18.36 -30.10 13.97
C LYS A 172 -17.52 -28.85 14.33
N GLN A 173 -16.83 -28.96 15.46
CA GLN A 173 -15.91 -27.88 15.95
C GLN A 173 -14.64 -28.50 16.43
N GLY A 174 -13.53 -27.76 16.34
CA GLY A 174 -12.27 -28.25 16.90
C GLY A 174 -11.60 -27.17 17.70
N ASN A 175 -10.75 -27.57 18.63
CA ASN A 175 -9.93 -26.62 19.37
C ASN A 175 -8.69 -27.31 19.89
N GLY A 176 -7.68 -26.54 20.28
CA GLY A 176 -6.49 -27.20 20.80
C GLY A 176 -5.44 -26.25 21.29
N LYS A 177 -4.21 -26.71 21.38
CA LYS A 177 -3.18 -25.87 21.94
C LYS A 177 -1.83 -26.41 21.54
N ILE A 178 -0.87 -25.50 21.52
CA ILE A 178 0.50 -25.83 21.16
C ILE A 178 1.33 -25.54 22.40
N GLU A 179 2.14 -26.50 22.85
CA GLU A 179 2.96 -26.31 24.04
C GLU A 179 4.40 -26.75 23.79
N HIS A 180 5.29 -26.44 24.74
CA HIS A 180 6.64 -27.00 24.78
C HIS A 180 7.55 -26.50 23.66
N LEU A 181 7.22 -25.38 23.03
CA LEU A 181 8.18 -24.79 22.08
C LEU A 181 9.11 -23.85 22.85
N LYS A 182 10.38 -23.77 22.45
CA LYS A 182 11.36 -22.96 23.20
C LYS A 182 11.02 -21.47 23.13
N SER A 183 10.42 -21.06 22.02
CA SER A 183 10.08 -19.66 21.84
C SER A 183 8.72 -19.40 22.49
N PRO A 184 8.68 -18.55 23.54
CA PRO A 184 7.46 -18.48 24.35
C PRO A 184 6.25 -17.99 23.57
N GLU A 185 6.45 -17.08 22.60
CA GLU A 185 5.31 -16.55 21.84
C GLU A 185 4.70 -17.58 20.87
N LEU A 186 5.32 -18.75 20.71
CA LEU A 186 4.73 -19.82 19.87
C LEU A 186 3.87 -20.82 20.63
N ASN A 187 3.84 -20.70 21.96
CA ASN A 187 3.01 -21.58 22.76
C ASN A 187 1.63 -20.95 22.88
N VAL A 188 0.76 -21.30 21.93
CA VAL A 188 -0.50 -20.57 21.75
C VAL A 188 -1.69 -21.51 21.87
N ASP A 189 -2.88 -20.94 22.10
CA ASP A 189 -4.13 -21.67 22.00
C ASP A 189 -4.63 -21.67 20.56
N LEU A 190 -5.21 -22.78 20.15
CA LEU A 190 -5.84 -22.84 18.84
C LEU A 190 -7.30 -22.79 19.17
N ALA A 191 -7.91 -21.64 19.01
CA ALA A 191 -9.24 -21.39 19.58
C ALA A 191 -10.31 -22.15 18.81
N ALA A 192 -11.45 -22.38 19.45
CA ALA A 192 -12.54 -23.17 18.84
C ALA A 192 -12.98 -22.60 17.51
N ALA A 193 -13.24 -23.50 16.55
CA ALA A 193 -13.57 -23.07 15.21
C ALA A 193 -14.41 -24.16 14.57
N ASP A 194 -15.27 -23.76 13.65
CA ASP A 194 -16.08 -24.76 12.96
C ASP A 194 -15.25 -25.56 11.92
N ILE A 195 -15.62 -26.82 11.68
CA ILE A 195 -15.16 -27.54 10.48
C ILE A 195 -15.98 -27.06 9.30
N LYS A 196 -15.33 -26.79 8.16
CA LYS A 196 -16.05 -26.35 6.97
C LYS A 196 -15.48 -27.09 5.78
N PRO A 197 -16.23 -27.15 4.67
CA PRO A 197 -15.68 -27.76 3.45
C PRO A 197 -14.81 -26.76 2.71
N ASP A 198 -13.69 -27.20 2.12
CA ASP A 198 -12.87 -26.31 1.31
C ASP A 198 -13.35 -26.43 -0.14
N GLY A 199 -12.55 -26.01 -1.12
CA GLY A 199 -13.03 -25.94 -2.50
C GLY A 199 -13.25 -27.32 -3.09
N LYS A 200 -12.67 -28.34 -2.45
CA LYS A 200 -12.92 -29.70 -2.91
C LYS A 200 -13.79 -30.47 -1.93
N ARG A 201 -14.43 -29.75 -1.01
CA ARG A 201 -15.23 -30.38 0.05
C ARG A 201 -14.46 -31.28 0.98
N HIS A 202 -13.17 -30.99 1.11
CA HIS A 202 -12.33 -31.58 2.15
C HIS A 202 -12.62 -30.87 3.47
N ALA A 203 -12.60 -31.60 4.58
CA ALA A 203 -12.93 -30.98 5.88
C ALA A 203 -11.75 -30.22 6.43
N VAL A 204 -11.96 -28.94 6.72
CA VAL A 204 -10.85 -28.14 7.20
C VAL A 204 -11.34 -27.30 8.36
N ILE A 205 -10.42 -26.89 9.25
CA ILE A 205 -10.83 -26.05 10.37
C ILE A 205 -9.90 -24.88 10.31
N SER A 206 -10.45 -23.69 10.13
CA SER A 206 -9.60 -22.50 10.12
C SER A 206 -10.01 -21.64 11.27
N GLY A 207 -9.06 -21.26 12.10
CA GLY A 207 -9.43 -20.50 13.28
C GLY A 207 -8.40 -19.51 13.71
N SER A 208 -8.59 -19.03 14.94
CA SER A 208 -7.80 -17.95 15.54
C SER A 208 -6.74 -18.54 16.48
N VAL A 209 -5.55 -17.93 16.48
CA VAL A 209 -4.48 -18.30 17.43
C VAL A 209 -4.47 -17.28 18.57
N LEU A 210 -4.48 -17.74 19.83
CA LEU A 210 -4.47 -16.84 20.98
C LEU A 210 -3.15 -16.94 21.75
N TYR A 211 -2.64 -15.80 22.19
CA TYR A 211 -1.45 -15.79 23.03
C TYR A 211 -1.86 -15.02 24.27
N ASN A 212 -1.80 -15.64 25.43
CA ASN A 212 -2.29 -15.01 26.66
C ASN A 212 -3.70 -14.51 26.48
N GLN A 213 -4.49 -15.38 25.85
CA GLN A 213 -5.95 -15.23 25.71
C GLN A 213 -6.35 -14.25 24.64
N ALA A 214 -5.38 -13.63 23.95
CA ALA A 214 -5.68 -12.61 22.96
C ALA A 214 -5.20 -13.01 21.56
N GLU A 215 -5.94 -12.63 20.52
CA GLU A 215 -5.59 -13.09 19.17
C GLU A 215 -4.26 -12.56 18.70
N LYS A 216 -3.43 -13.44 18.18
CA LYS A 216 -2.14 -13.03 17.62
C LYS A 216 -1.85 -13.77 16.33
N GLY A 217 -2.82 -14.48 15.77
CA GLY A 217 -2.57 -15.08 14.46
C GLY A 217 -3.72 -15.96 14.07
N SER A 218 -3.46 -16.92 13.18
CA SER A 218 -4.49 -17.79 12.61
C SER A 218 -3.93 -19.20 12.45
N TYR A 219 -4.80 -20.19 12.33
CA TYR A 219 -4.37 -21.56 12.06
C TYR A 219 -5.37 -22.24 11.13
N SER A 220 -4.88 -23.29 10.47
CA SER A 220 -5.75 -24.13 9.66
CA SER A 220 -5.74 -24.11 9.63
C SER A 220 -5.27 -25.57 9.73
N LEU A 221 -6.22 -26.48 9.94
CA LEU A 221 -5.87 -27.89 9.97
C LEU A 221 -6.82 -28.55 9.03
N GLY A 222 -6.29 -29.45 8.21
CA GLY A 222 -7.19 -30.38 7.54
C GLY A 222 -7.36 -31.66 8.36
N ILE A 223 -8.48 -32.34 8.13
CA ILE A 223 -8.74 -33.63 8.76
C ILE A 223 -8.42 -34.70 7.72
N PHE A 224 -7.72 -35.76 8.13
CA PHE A 224 -7.24 -36.77 7.17
C PHE A 224 -7.55 -38.19 7.61
N GLY A 225 -7.65 -39.09 6.64
CA GLY A 225 -7.97 -40.49 6.97
C GLY A 225 -9.46 -40.77 6.82
N GLY A 226 -9.78 -41.98 6.39
CA GLY A 226 -11.19 -42.30 6.20
C GLY A 226 -12.06 -42.17 7.43
N LYS A 227 -11.47 -42.31 8.61
CA LYS A 227 -12.17 -42.21 9.86
C LYS A 227 -11.69 -40.99 10.64
N ALA A 228 -11.15 -40.02 9.92
CA ALA A 228 -10.71 -38.78 10.55
C ALA A 228 -9.66 -39.09 11.61
N GLN A 229 -8.74 -39.99 11.28
CA GLN A 229 -7.71 -40.39 12.24
C GLN A 229 -6.76 -39.27 12.56
N GLU A 230 -6.58 -38.32 11.64
CA GLU A 230 -5.47 -37.38 11.81
C GLU A 230 -5.86 -35.94 11.50
N VAL A 231 -5.08 -35.01 12.06
CA VAL A 231 -5.10 -33.62 11.59
C VAL A 231 -3.68 -33.21 11.16
N ALA A 232 -3.58 -32.32 10.17
CA ALA A 232 -2.32 -31.73 9.78
C ALA A 232 -2.59 -30.35 9.21
N GLY A 233 -1.64 -29.44 9.41
CA GLY A 233 -1.77 -28.08 8.89
C GLY A 233 -0.73 -27.16 9.52
N SER A 234 -1.10 -25.93 9.86
CA SER A 234 -0.06 -25.03 10.34
C SER A 234 -0.70 -23.90 11.11
N ALA A 235 0.12 -23.13 11.81
CA ALA A 235 -0.35 -21.93 12.46
C ALA A 235 0.58 -20.82 12.00
N GLU A 236 0.07 -19.60 11.94
CA GLU A 236 0.88 -18.42 11.66
C GLU A 236 0.71 -17.45 12.84
N VAL A 237 1.80 -17.11 13.53
CA VAL A 237 1.77 -16.26 14.72
C VAL A 237 2.44 -14.92 14.36
N LYS A 238 1.72 -13.81 14.56
CA LYS A 238 2.28 -12.50 14.28
C LYS A 238 3.18 -12.08 15.41
N THR A 239 4.41 -11.67 15.11
CA THR A 239 5.29 -11.06 16.10
C THR A 239 5.71 -9.71 15.54
N VAL A 240 6.36 -8.88 16.36
CA VAL A 240 6.84 -7.61 15.83
C VAL A 240 7.89 -7.80 14.78
N ASN A 241 8.46 -9.01 14.70
CA ASN A 241 9.49 -9.32 13.70
C ASN A 241 8.99 -9.99 12.47
N GLY A 242 7.70 -10.20 12.40
CA GLY A 242 7.12 -10.92 11.26
C GLY A 242 6.31 -12.12 11.69
N ILE A 243 5.77 -12.81 10.72
CA ILE A 243 4.90 -13.96 10.98
C ILE A 243 5.81 -15.17 11.11
N ARG A 244 5.57 -15.98 12.14
CA ARG A 244 6.32 -17.21 12.31
C ARG A 244 5.37 -18.37 12.04
N HIS A 245 5.88 -19.35 11.30
CA HIS A 245 5.09 -20.50 10.90
C HIS A 245 5.36 -21.65 11.87
N ILE A 246 4.31 -22.41 12.18
CA ILE A 246 4.47 -23.63 12.97
C ILE A 246 3.82 -24.77 12.22
N GLY A 247 4.56 -25.83 11.91
CA GLY A 247 3.94 -26.98 11.24
C GLY A 247 3.23 -27.83 12.29
N LEU A 248 2.07 -28.42 11.92
CA LEU A 248 1.22 -29.09 12.92
C LEU A 248 0.79 -30.44 12.38
N ALA A 249 0.94 -31.49 13.18
CA ALA A 249 0.38 -32.80 12.80
C ALA A 249 0.09 -33.62 14.05
N ALA A 250 -1.10 -34.22 14.12
CA ALA A 250 -1.46 -35.03 15.29
C ALA A 250 -2.34 -36.17 14.86
N LYS A 251 -2.46 -37.19 15.71
CA LYS A 251 -3.25 -38.35 15.34
C LYS A 251 -3.97 -38.84 16.59
N GLN A 252 -5.07 -39.56 16.41
CA GLN A 252 -5.75 -40.18 17.53
C GLN A 252 -4.87 -41.34 18.02
N LEU A 253 -4.83 -41.55 19.33
CA LEU A 253 -3.99 -42.60 19.91
C LEU A 253 -4.83 -43.85 20.15
N GLN B 1 -13.37 9.93 18.36
CA GLN B 1 -14.46 9.08 17.88
C GLN B 1 -14.03 8.13 16.75
N VAL B 2 -13.31 8.64 15.74
CA VAL B 2 -12.61 7.76 14.77
C VAL B 2 -11.57 6.93 15.57
N GLN B 3 -11.19 5.72 15.11
CA GLN B 3 -10.39 4.88 16.01
C GLN B 3 -8.98 5.34 16.25
N LEU B 4 -8.34 5.89 15.22
CA LEU B 4 -6.94 6.28 15.34
C LEU B 4 -6.86 7.78 15.01
N GLN B 5 -6.71 8.62 16.03
CA GLN B 5 -6.78 10.07 15.84
C GLN B 5 -5.39 10.64 16.08
N GLU B 6 -4.78 11.16 15.03
CA GLU B 6 -3.39 11.62 15.16
C GLU B 6 -3.33 13.09 15.53
N SER B 7 -2.18 13.50 16.05
CA SER B 7 -2.00 14.90 16.42
C SER B 7 -1.85 15.76 15.15
N GLY B 8 -1.98 17.07 15.33
CA GLY B 8 -2.09 18.00 14.22
C GLY B 8 -0.79 18.25 13.46
N PRO B 9 -0.89 19.03 12.38
CA PRO B 9 0.28 19.27 11.53
C PRO B 9 1.36 20.00 12.31
N GLU B 10 2.60 19.76 11.87
CA GLU B 10 3.76 20.36 12.54
C GLU B 10 4.65 21.03 11.53
N LEU B 11 5.17 22.19 11.91
CA LEU B 11 6.09 22.91 11.05
C LEU B 11 7.26 23.24 11.96
N VAL B 12 8.43 22.71 11.65
CA VAL B 12 9.62 22.92 12.50
C VAL B 12 10.86 23.22 11.67
N LYS B 13 11.92 23.61 12.38
CA LYS B 13 13.19 23.93 11.73
C LYS B 13 14.10 22.70 11.66
N PRO B 14 15.02 22.68 10.68
CA PRO B 14 16.01 21.59 10.71
C PRO B 14 16.72 21.53 12.04
N GLY B 15 16.93 20.31 12.55
CA GLY B 15 17.63 20.11 13.80
C GLY B 15 16.72 19.82 14.94
N ALA B 16 15.43 20.09 14.73
CA ALA B 16 14.43 20.01 15.79
C ALA B 16 14.07 18.53 15.97
N SER B 17 13.25 18.26 16.99
CA SER B 17 12.65 16.92 17.18
C SER B 17 11.13 17.11 17.24
N VAL B 18 10.33 16.12 16.79
CA VAL B 18 8.89 16.20 17.04
C VAL B 18 8.42 14.86 17.55
N LYS B 19 7.34 14.87 18.32
CA LYS B 19 6.72 13.63 18.79
C LYS B 19 5.27 13.65 18.38
N ILE B 20 4.88 12.70 17.53
CA ILE B 20 3.55 12.67 16.92
C ILE B 20 2.72 11.67 17.69
N SER B 21 1.46 11.96 17.95
CA SER B 21 0.65 11.00 18.72
C SER B 21 -0.44 10.36 17.91
N CYS B 22 -0.91 9.21 18.38
CA CYS B 22 -1.95 8.43 17.69
C CYS B 22 -2.81 7.88 18.82
N LYS B 23 -3.94 8.55 19.06
CA LYS B 23 -4.83 8.17 20.15
C LYS B 23 -5.86 7.17 19.66
N ALA B 24 -5.96 6.05 20.38
CA ALA B 24 -6.83 4.96 20.00
C ALA B 24 -8.16 5.03 20.73
N SER B 25 -9.25 4.79 20.02
CA SER B 25 -10.51 4.63 20.74
C SER B 25 -11.34 3.58 20.05
N GLY B 26 -12.30 3.01 20.79
CA GLY B 26 -13.24 2.08 20.20
C GLY B 26 -12.79 0.64 20.08
N TYR B 27 -11.62 0.30 20.60
CA TYR B 27 -11.11 -1.08 20.50
C TYR B 27 -10.09 -1.27 21.62
N SER B 28 -9.62 -2.49 21.78
CA SER B 28 -8.66 -2.81 22.82
C SER B 28 -7.25 -2.46 22.36
N PHE B 29 -6.80 -1.26 22.71
CA PHE B 29 -5.50 -0.76 22.23
C PHE B 29 -4.36 -1.73 22.46
N SER B 30 -4.30 -2.31 23.66
CA SER B 30 -3.14 -3.14 23.99
C SER B 30 -3.09 -4.45 23.22
N ASP B 31 -4.18 -4.83 22.58
CA ASP B 31 -4.28 -6.17 22.01
C ASP B 31 -3.86 -6.17 20.55
N TYR B 32 -3.52 -5.00 20.02
CA TYR B 32 -3.22 -4.92 18.59
C TYR B 32 -1.96 -4.14 18.38
N ASN B 33 -1.15 -4.50 17.38
CA ASN B 33 0.09 -3.81 17.14
C ASN B 33 -0.17 -2.43 16.58
N MET B 34 0.80 -1.52 16.70
CA MET B 34 0.66 -0.25 16.00
C MET B 34 1.91 -0.04 15.19
N SER B 35 1.75 0.20 13.89
CA SER B 35 2.87 0.52 13.04
C SER B 35 2.82 1.99 12.63
N TRP B 36 3.93 2.49 12.13
CA TRP B 36 3.97 3.84 11.55
C TRP B 36 4.51 3.78 10.12
N VAL B 37 3.97 4.65 9.26
CA VAL B 37 4.25 4.64 7.81
C VAL B 37 4.53 6.06 7.40
N LYS B 38 5.56 6.24 6.57
CA LYS B 38 5.90 7.54 5.99
C LYS B 38 5.45 7.60 4.53
N GLN B 39 4.78 8.67 4.12
CA GLN B 39 4.41 8.86 2.71
C GLN B 39 5.02 10.18 2.28
N SER B 40 5.92 10.13 1.30
CA SER B 40 6.66 11.30 0.83
C SER B 40 5.97 11.77 -0.45
N ASN B 41 5.79 13.08 -0.60
CA ASN B 41 5.22 13.62 -1.84
C ASN B 41 3.87 13.02 -2.22
N GLY B 42 3.05 12.64 -1.24
CA GLY B 42 1.74 12.07 -1.55
C GLY B 42 1.79 10.79 -2.37
N LYS B 43 2.98 10.19 -2.51
CA LYS B 43 3.15 9.00 -3.34
C LYS B 43 3.83 7.83 -2.60
N SER B 44 5.17 7.84 -2.60
CA SER B 44 6.00 6.72 -2.12
C SER B 44 5.71 6.40 -0.65
N LEU B 45 5.45 5.14 -0.33
CA LEU B 45 5.18 4.81 1.07
C LEU B 45 6.29 3.94 1.63
N GLU B 46 6.63 4.15 2.91
CA GLU B 46 7.61 3.29 3.59
C GLU B 46 7.16 2.91 4.98
N TRP B 47 7.43 1.69 5.39
CA TRP B 47 7.13 1.29 6.75
C TRP B 47 8.29 1.61 7.69
N ILE B 48 8.01 2.27 8.81
CA ILE B 48 9.03 2.79 9.73
C ILE B 48 9.30 1.77 10.81
N GLY B 49 8.23 1.21 11.39
CA GLY B 49 8.45 0.34 12.52
C GLY B 49 7.14 -0.07 13.13
N ILE B 50 7.20 -0.98 14.10
CA ILE B 50 6.00 -1.50 14.73
C ILE B 50 6.22 -1.67 16.23
N ILE B 51 5.17 -1.54 17.03
CA ILE B 51 5.29 -1.77 18.47
C ILE B 51 4.09 -2.59 18.97
N ASP B 52 4.34 -3.55 19.86
CA ASP B 52 3.27 -4.24 20.55
C ASP B 52 3.00 -3.58 21.88
N PRO B 53 1.82 -2.92 22.02
CA PRO B 53 1.66 -2.06 23.20
C PRO B 53 1.65 -2.86 24.48
N LYS B 54 1.21 -4.12 24.41
CA LYS B 54 1.09 -4.91 25.65
C LYS B 54 2.46 -5.38 26.14
N TYR B 55 3.30 -5.82 25.22
CA TYR B 55 4.58 -6.41 25.61
C TYR B 55 5.77 -5.47 25.42
N GLY B 56 5.58 -4.37 24.70
CA GLY B 56 6.62 -3.35 24.58
C GLY B 56 7.71 -3.68 23.57
N THR B 57 7.53 -4.78 22.85
CA THR B 57 8.51 -5.20 21.87
C THR B 57 8.39 -4.29 20.63
N ILE B 58 9.51 -4.00 20.00
CA ILE B 58 9.51 -3.09 18.85
C ILE B 58 10.39 -3.65 17.77
N ASN B 59 10.05 -3.39 16.51
CA ASN B 59 10.95 -3.66 15.41
C ASN B 59 10.99 -2.46 14.50
N TYR B 60 12.19 -2.00 14.15
CA TYR B 60 12.35 -0.82 13.30
C TYR B 60 12.85 -1.25 11.96
N ASN B 61 12.36 -0.60 10.92
CA ASN B 61 12.99 -0.71 9.61
C ASN B 61 14.41 -0.17 9.83
N GLN B 62 15.44 -0.92 9.43
CA GLN B 62 16.83 -0.44 9.59
C GLN B 62 17.02 0.99 9.14
N LYS B 63 16.35 1.40 8.08
CA LYS B 63 16.51 2.76 7.52
C LYS B 63 16.09 3.87 8.49
N PHE B 64 15.23 3.52 9.44
CA PHE B 64 14.72 4.51 10.36
C PHE B 64 15.30 4.42 11.72
N LYS B 65 16.25 3.50 11.91
CA LYS B 65 16.83 3.37 13.24
C LYS B 65 17.62 4.64 13.51
N GLY B 66 17.51 5.18 14.70
CA GLY B 66 18.20 6.43 14.99
C GLY B 66 17.50 7.66 14.43
N LYS B 67 16.42 7.47 13.67
CA LYS B 67 15.58 8.60 13.24
C LYS B 67 14.27 8.59 14.06
N ALA B 68 13.67 7.41 14.20
CA ALA B 68 12.36 7.28 14.83
C ALA B 68 12.45 6.46 16.12
N THR B 69 11.64 6.84 17.11
CA THR B 69 11.52 6.09 18.35
C THR B 69 10.05 5.85 18.64
N LEU B 70 9.64 4.60 18.77
CA LEU B 70 8.24 4.31 19.04
C LEU B 70 8.03 4.05 20.51
N THR B 71 6.92 4.55 21.07
CA THR B 71 6.55 4.21 22.45
C THR B 71 5.04 4.13 22.51
N VAL B 72 4.50 3.67 23.64
CA VAL B 72 3.06 3.76 23.88
C VAL B 72 2.84 4.19 25.31
N ASP B 73 1.64 4.67 25.59
CA ASP B 73 1.19 4.85 26.95
C ASP B 73 -0.08 4.02 27.08
N GLN B 74 0.01 2.86 27.70
CA GLN B 74 -1.17 1.99 27.73
C GLN B 74 -2.36 2.61 28.45
N ALA B 75 -2.10 3.33 29.54
CA ALA B 75 -3.18 3.93 30.30
C ALA B 75 -4.03 4.94 29.52
N SER B 76 -3.40 5.72 28.64
CA SER B 76 -4.15 6.69 27.84
C SER B 76 -4.45 6.16 26.42
N SER B 77 -4.14 4.89 26.19
CA SER B 77 -4.36 4.29 24.87
C SER B 77 -3.82 5.11 23.72
N THR B 78 -2.57 5.55 23.86
CA THR B 78 -1.94 6.41 22.86
C THR B 78 -0.60 5.82 22.44
N ALA B 79 -0.36 5.80 21.12
CA ALA B 79 0.95 5.44 20.58
C ALA B 79 1.65 6.74 20.13
N TYR B 80 2.97 6.76 20.25
CA TYR B 80 3.78 7.93 19.91
C TYR B 80 4.91 7.54 18.98
N MET B 81 5.27 8.46 18.08
CA MET B 81 6.50 8.30 17.33
C MET B 81 7.29 9.62 17.41
N GLN B 82 8.52 9.54 17.91
CA GLN B 82 9.36 10.75 17.98
C GLN B 82 10.37 10.73 16.83
N LEU B 83 10.49 11.82 16.08
CA LEU B 83 11.45 11.81 14.99
C LEU B 83 12.49 12.85 15.41
N ASN B 84 13.76 12.46 15.38
CA ASN B 84 14.85 13.31 15.88
C ASN B 84 15.69 13.89 14.74
N SER B 85 16.50 14.89 15.07
CA SER B 85 17.47 15.43 14.10
C SER B 85 16.90 15.75 12.73
N LEU B 86 15.82 16.53 12.70
CA LEU B 86 15.00 16.63 11.52
C LEU B 86 15.69 17.37 10.39
N THR B 87 15.47 16.89 9.17
CA THR B 87 15.94 17.59 7.97
C THR B 87 14.78 17.69 7.01
N SER B 88 14.99 18.38 5.89
CA SER B 88 13.89 18.54 4.94
C SER B 88 13.44 17.21 4.33
N GLU B 89 14.31 16.21 4.38
CA GLU B 89 13.99 14.90 3.85
C GLU B 89 12.99 14.15 4.75
N ASP B 90 12.76 14.69 5.95
CA ASP B 90 11.75 14.14 6.86
C ASP B 90 10.36 14.74 6.65
N SER B 91 10.25 15.77 5.79
CA SER B 91 8.95 16.35 5.47
C SER B 91 8.12 15.30 4.78
N ALA B 92 6.91 15.07 5.27
CA ALA B 92 6.11 13.95 4.73
C ALA B 92 4.80 13.89 5.49
N VAL B 93 3.93 12.93 5.13
CA VAL B 93 2.78 12.67 5.95
C VAL B 93 3.07 11.34 6.65
N TYR B 94 2.83 11.30 7.97
CA TYR B 94 3.06 10.09 8.77
C TYR B 94 1.76 9.49 9.22
N TYR B 95 1.59 8.16 9.07
CA TYR B 95 0.35 7.49 9.50
C TYR B 95 0.64 6.49 10.57
N CYS B 96 -0.24 6.39 11.59
CA CYS B 96 -0.21 5.18 12.44
C CYS B 96 -1.18 4.17 11.81
N VAL B 97 -0.89 2.87 11.96
CA VAL B 97 -1.74 1.83 11.37
C VAL B 97 -1.76 0.67 12.33
N ARG B 98 -2.96 0.22 12.67
CA ARG B 98 -3.08 -0.95 13.53
C ARG B 98 -3.52 -2.18 12.76
N ASP B 99 -3.32 -3.33 13.38
CA ASP B 99 -3.79 -4.56 12.77
C ASP B 99 -5.15 -4.91 13.34
N TYR B 100 -5.81 -5.89 12.71
CA TYR B 100 -7.16 -6.28 13.12
C TYR B 100 -7.37 -7.74 12.79
N TYR B 101 -6.97 -8.17 11.59
CA TYR B 101 -7.14 -9.59 11.23
C TYR B 101 -5.95 -10.45 11.68
N GLY B 102 -6.16 -11.73 11.96
CA GLY B 102 -5.09 -12.55 12.50
C GLY B 102 -3.91 -12.73 11.56
N SER B 103 -4.16 -12.60 10.27
CA SER B 103 -3.10 -12.80 9.31
C SER B 103 -2.78 -11.50 8.56
N SER B 104 -2.94 -10.35 9.23
CA SER B 104 -2.61 -9.08 8.57
C SER B 104 -2.04 -8.14 9.65
N TYR B 105 -1.18 -7.19 9.24
CA TYR B 105 -0.65 -6.19 10.14
C TYR B 105 -1.23 -4.81 9.90
N PHE B 106 -1.78 -4.58 8.71
CA PHE B 106 -2.07 -3.20 8.29
C PHE B 106 -3.53 -3.02 7.89
N ASP B 107 -4.39 -2.85 8.90
CA ASP B 107 -5.81 -2.94 8.66
C ASP B 107 -6.62 -1.66 8.82
N TYR B 108 -6.24 -0.78 9.75
CA TYR B 108 -6.98 0.47 9.85
C TYR B 108 -5.97 1.54 10.08
N TRP B 109 -6.21 2.66 9.44
CA TRP B 109 -5.20 3.74 9.37
C TRP B 109 -5.69 5.01 10.06
N GLY B 110 -4.78 5.69 10.77
CA GLY B 110 -5.02 7.05 11.23
C GLY B 110 -5.20 8.06 10.09
N GLN B 111 -5.56 9.31 10.42
CA GLN B 111 -5.87 10.29 9.36
C GLN B 111 -4.61 10.92 8.79
N GLY B 112 -3.47 10.70 9.44
CA GLY B 112 -2.20 11.21 8.93
C GLY B 112 -1.79 12.47 9.67
N THR B 113 -0.47 12.66 9.83
CA THR B 113 0.07 13.91 10.39
C THR B 113 1.06 14.49 9.40
N THR B 114 0.87 15.74 9.01
CA THR B 114 1.80 16.36 8.05
C THR B 114 2.93 17.01 8.85
N LEU B 115 4.18 16.69 8.49
CA LEU B 115 5.34 17.31 9.09
C LEU B 115 6.06 18.07 7.99
N THR B 116 6.37 19.34 8.26
CA THR B 116 7.14 20.13 7.33
C THR B 116 8.35 20.60 8.11
N VAL B 117 9.53 20.29 7.57
CA VAL B 117 10.79 20.74 8.18
C VAL B 117 11.40 21.76 7.21
N SER B 118 11.59 23.00 7.64
CA SER B 118 12.07 24.03 6.71
C SER B 118 12.72 25.13 7.51
N SER B 119 13.70 25.80 6.91
CA SER B 119 14.23 26.97 7.57
C SER B 119 13.58 28.24 7.03
N ALA B 120 12.61 28.11 6.12
CA ALA B 120 11.92 29.29 5.57
C ALA B 120 11.18 30.03 6.65
N LYS B 121 10.99 31.34 6.46
CA LYS B 121 10.27 32.14 7.43
C LYS B 121 8.85 32.39 6.96
N THR B 122 7.93 32.55 7.90
CA THR B 122 6.54 32.85 7.59
C THR B 122 6.50 34.13 6.77
N THR B 123 5.85 34.08 5.60
CA THR B 123 5.91 35.17 4.61
C THR B 123 4.53 35.25 3.96
N PRO B 124 3.88 36.43 4.02
CA PRO B 124 2.55 36.58 3.39
C PRO B 124 2.63 36.59 1.86
N PRO B 125 1.57 36.13 1.17
CA PRO B 125 1.58 36.12 -0.30
C PRO B 125 1.39 37.50 -0.86
N SER B 126 1.96 37.78 -2.03
CA SER B 126 1.52 38.92 -2.83
C SER B 126 0.41 38.37 -3.71
N VAL B 127 -0.69 39.07 -3.87
CA VAL B 127 -1.78 38.56 -4.66
C VAL B 127 -1.94 39.48 -5.86
N TYR B 128 -1.89 38.92 -7.07
CA TYR B 128 -2.01 39.71 -8.27
C TYR B 128 -3.20 39.22 -9.10
N PRO B 129 -4.04 40.17 -9.54
CA PRO B 129 -5.21 39.86 -10.37
C PRO B 129 -4.77 39.45 -11.76
N LEU B 130 -5.47 38.49 -12.35
CA LEU B 130 -5.16 38.08 -13.71
C LEU B 130 -6.38 38.40 -14.58
N ALA B 131 -6.32 39.49 -15.35
CA ALA B 131 -7.47 39.87 -16.18
C ALA B 131 -6.98 39.98 -17.61
N PRO B 132 -7.84 39.70 -18.60
CA PRO B 132 -7.40 39.78 -19.99
C PRO B 132 -7.02 41.22 -20.29
N GLY B 133 -6.08 41.41 -21.19
CA GLY B 133 -5.70 42.78 -21.44
C GLY B 133 -5.40 43.04 -22.88
N CYS B 134 -4.61 44.09 -23.07
CA CYS B 134 -3.65 44.23 -24.16
C CYS B 134 -4.07 43.50 -25.47
N THR B 138 -12.01 37.97 -26.46
CA THR B 138 -13.17 37.85 -25.59
C THR B 138 -14.24 36.97 -26.25
N GLY B 139 -15.03 36.27 -25.44
CA GLY B 139 -16.03 35.33 -25.94
C GLY B 139 -17.26 35.20 -25.06
N SER B 140 -18.04 34.12 -25.25
CA SER B 140 -19.25 33.82 -24.46
C SER B 140 -18.96 33.62 -22.95
N SER B 141 -17.75 33.14 -22.68
CA SER B 141 -17.26 32.91 -21.31
C SER B 141 -15.91 33.60 -21.13
N VAL B 142 -15.67 34.16 -19.95
CA VAL B 142 -14.39 34.82 -19.71
C VAL B 142 -13.74 34.19 -18.51
N THR B 143 -12.47 33.85 -18.67
CA THR B 143 -11.71 33.25 -17.59
C THR B 143 -10.86 34.32 -16.93
N LEU B 144 -10.87 34.33 -15.60
CA LEU B 144 -10.14 35.30 -14.82
C LEU B 144 -9.28 34.56 -13.82
N GLY B 145 -8.34 35.24 -13.22
CA GLY B 145 -7.49 34.49 -12.33
C GLY B 145 -6.88 35.31 -11.23
N CYS B 146 -6.28 34.63 -10.25
N CYS B 146 -6.14 34.61 -10.39
CA CYS B 146 -5.44 35.34 -9.26
CA CYS B 146 -5.47 35.22 -9.26
C CYS B 146 -4.16 34.57 -9.02
C CYS B 146 -4.14 34.52 -9.03
N LEU B 147 -3.05 35.29 -9.04
CA LEU B 147 -1.75 34.72 -8.81
C LEU B 147 -1.37 34.96 -7.37
N VAL B 148 -1.05 33.90 -6.63
CA VAL B 148 -0.73 34.02 -5.21
C VAL B 148 0.74 33.63 -5.06
N LYS B 149 1.58 34.63 -4.80
CA LYS B 149 3.02 34.46 -5.04
C LYS B 149 3.88 34.75 -3.84
N GLY B 150 4.84 33.86 -3.58
CA GLY B 150 5.89 34.11 -2.60
C GLY B 150 5.47 33.99 -1.15
N TYR B 151 4.74 32.92 -0.79
CA TYR B 151 4.27 32.77 0.58
C TYR B 151 4.85 31.53 1.25
N PHE B 152 4.81 31.53 2.58
CA PHE B 152 5.22 30.36 3.33
C PHE B 152 4.64 30.51 4.72
N PRO B 153 4.15 29.42 5.34
CA PRO B 153 4.07 28.02 4.89
C PRO B 153 2.97 27.78 3.87
N GLU B 154 2.76 26.53 3.46
CA GLU B 154 1.96 26.29 2.27
C GLU B 154 0.44 26.51 2.37
N SER B 155 -0.13 26.50 3.57
CA SER B 155 -1.59 26.52 3.68
C SER B 155 -2.24 27.83 3.20
N VAL B 156 -2.89 27.84 2.03
CA VAL B 156 -3.57 29.05 1.58
C VAL B 156 -4.94 28.68 1.02
N THR B 157 -5.92 29.57 1.17
CA THR B 157 -7.24 29.28 0.62
C THR B 157 -7.71 30.41 -0.27
N VAL B 158 -8.04 30.12 -1.53
CA VAL B 158 -8.53 31.15 -2.44
C VAL B 158 -10.01 30.95 -2.61
N THR B 159 -10.80 32.03 -2.47
CA THR B 159 -12.23 32.02 -2.78
C THR B 159 -12.58 33.09 -3.81
N TRP B 160 -13.69 32.89 -4.50
CA TRP B 160 -14.12 33.81 -5.54
C TRP B 160 -15.49 34.32 -5.17
N ASN B 161 -15.69 35.65 -5.20
CA ASN B 161 -16.94 36.25 -4.72
C ASN B 161 -17.36 35.70 -3.35
N SER B 162 -16.39 35.74 -2.43
CA SER B 162 -16.58 35.23 -1.07
C SER B 162 -17.02 33.79 -1.00
N GLY B 163 -16.59 32.96 -1.95
CA GLY B 163 -16.88 31.53 -1.94
C GLY B 163 -18.15 31.14 -2.67
N SER B 164 -18.89 32.12 -3.14
CA SER B 164 -20.17 31.82 -3.84
C SER B 164 -19.94 31.33 -5.25
N LEU B 165 -18.75 31.55 -5.79
CA LEU B 165 -18.40 30.92 -7.09
C LEU B 165 -17.44 29.77 -6.80
N SER B 166 -17.83 28.53 -7.12
CA SER B 166 -16.88 27.42 -6.89
C SER B 166 -16.88 26.41 -8.01
N SER B 167 -18.01 26.24 -8.69
CA SER B 167 -18.14 25.16 -9.69
C SER B 167 -17.20 25.33 -10.87
N SER B 168 -16.90 26.58 -11.23
CA SER B 168 -16.03 26.83 -12.40
C SER B 168 -14.61 27.25 -12.02
N VAL B 169 -14.24 26.99 -10.77
CA VAL B 169 -12.93 27.43 -10.25
C VAL B 169 -11.90 26.30 -10.42
N HIS B 170 -10.69 26.62 -10.87
CA HIS B 170 -9.60 25.64 -10.84
C HIS B 170 -8.53 26.21 -9.93
N THR B 171 -8.11 25.41 -8.97
CA THR B 171 -7.00 25.83 -8.13
C THR B 171 -5.79 24.92 -8.38
N PHE B 172 -4.70 25.52 -8.86
CA PHE B 172 -3.53 24.75 -9.31
C PHE B 172 -2.54 24.49 -8.18
N PRO B 173 -1.99 23.27 -8.13
CA PRO B 173 -1.05 22.93 -7.07
C PRO B 173 0.10 23.93 -7.02
N ALA B 174 0.47 24.30 -5.80
CA ALA B 174 1.53 25.26 -5.61
C ALA B 174 2.85 24.66 -6.01
N LEU B 175 3.75 25.53 -6.43
CA LEU B 175 5.11 25.13 -6.75
C LEU B 175 6.02 25.89 -5.82
N LEU B 176 7.09 25.22 -5.44
CA LEU B 176 8.02 25.75 -4.46
C LEU B 176 9.28 26.17 -5.16
N GLN B 177 9.74 27.39 -4.90
CA GLN B 177 10.88 27.95 -5.61
C GLN B 177 12.02 28.42 -4.69
N SER B 178 11.99 29.70 -4.34
CA SER B 178 13.08 30.33 -3.60
C SER B 178 12.81 30.16 -2.13
N GLY B 179 12.47 28.94 -1.74
CA GLY B 179 11.95 28.69 -0.41
C GLY B 179 10.50 29.09 -0.27
N LEU B 180 9.92 29.73 -1.31
CA LEU B 180 8.53 30.22 -1.21
C LEU B 180 7.58 29.59 -2.21
N TYR B 181 6.31 29.50 -1.82
CA TYR B 181 5.29 28.90 -2.70
C TYR B 181 4.62 29.92 -3.61
N THR B 182 4.21 29.44 -4.78
CA THR B 182 3.42 30.23 -5.68
C THR B 182 2.32 29.32 -6.23
N MET B 183 1.10 29.87 -6.34
CA MET B 183 -0.07 29.12 -6.80
C MET B 183 -0.95 30.08 -7.59
N SER B 184 -1.70 29.59 -8.54
CA SER B 184 -2.68 30.46 -9.17
C SER B 184 -4.05 29.76 -9.07
N SER B 185 -5.12 30.54 -9.18
CA SER B 185 -6.48 30.02 -9.19
C SER B 185 -7.17 30.66 -10.35
N SER B 186 -8.00 29.90 -11.06
CA SER B 186 -8.82 30.48 -12.12
C SER B 186 -10.32 30.30 -11.87
N VAL B 187 -11.11 31.21 -12.44
CA VAL B 187 -12.58 31.08 -12.41
C VAL B 187 -13.08 31.50 -13.76
N THR B 188 -14.21 30.92 -14.18
CA THR B 188 -14.80 31.30 -15.44
C THR B 188 -16.21 31.77 -15.18
N VAL B 189 -16.55 32.91 -15.79
CA VAL B 189 -17.87 33.47 -15.66
C VAL B 189 -18.41 33.84 -17.05
N PRO B 190 -19.74 33.97 -17.18
CA PRO B 190 -20.28 34.39 -18.47
C PRO B 190 -19.81 35.78 -18.88
N SER B 191 -19.77 36.04 -20.18
CA SER B 191 -19.37 37.35 -20.68
C SER B 191 -20.35 38.41 -20.21
N SER B 192 -21.56 37.99 -19.89
CA SER B 192 -22.58 38.90 -19.37
C SER B 192 -22.24 39.43 -17.97
N THR B 193 -21.28 38.79 -17.30
CA THR B 193 -20.91 39.16 -15.94
C THR B 193 -19.72 40.12 -15.87
N TRP B 194 -18.71 39.81 -16.65
CA TRP B 194 -17.46 40.56 -16.57
C TRP B 194 -17.15 41.03 -17.99
N PRO B 195 -16.75 42.30 -18.18
CA PRO B 195 -16.36 43.22 -17.13
C PRO B 195 -17.45 44.15 -16.64
N SER B 196 -18.71 43.93 -16.97
CA SER B 196 -19.75 44.84 -16.48
C SER B 196 -19.85 44.85 -14.95
N GLN B 197 -19.38 43.79 -14.30
CA GLN B 197 -19.46 43.71 -12.84
C GLN B 197 -18.16 43.24 -12.22
N THR B 198 -17.89 43.71 -10.99
CA THR B 198 -16.71 43.34 -10.26
C THR B 198 -16.75 41.86 -9.91
N VAL B 199 -15.61 41.18 -10.10
CA VAL B 199 -15.44 39.81 -9.59
C VAL B 199 -14.25 39.89 -8.68
N THR B 200 -14.30 39.24 -7.53
CA THR B 200 -13.26 39.46 -6.52
C THR B 200 -12.65 38.15 -6.11
N CYS B 201 -11.33 38.09 -6.00
N CYS B 201 -11.35 38.18 -5.93
CA CYS B 201 -10.75 36.89 -5.39
CA CYS B 201 -10.65 37.04 -5.39
C CYS B 201 -10.27 37.28 -4.00
C CYS B 201 -10.25 37.33 -3.95
N SER B 202 -10.45 36.37 -3.06
CA SER B 202 -10.00 36.58 -1.69
C SER B 202 -9.01 35.48 -1.37
N VAL B 203 -7.94 35.86 -0.71
CA VAL B 203 -6.88 34.91 -0.41
C VAL B 203 -6.57 34.91 1.08
N ALA B 204 -6.80 33.78 1.75
CA ALA B 204 -6.49 33.64 3.19
C ALA B 204 -5.21 32.81 3.40
N HIS B 205 -4.27 33.36 4.14
CA HIS B 205 -3.05 32.63 4.48
C HIS B 205 -2.94 32.82 5.97
N PRO B 206 -3.52 31.88 6.74
CA PRO B 206 -3.71 32.07 8.18
C PRO B 206 -2.39 32.24 8.93
N ALA B 207 -1.34 31.56 8.49
CA ALA B 207 -0.05 31.67 9.21
C ALA B 207 0.55 33.08 9.27
N SER B 208 0.20 33.92 8.29
CA SER B 208 0.67 35.29 8.30
C SER B 208 -0.46 36.28 8.57
N SER B 209 -1.63 35.77 8.99
CA SER B 209 -2.77 36.61 9.33
C SER B 209 -3.14 37.47 8.14
N THR B 210 -3.17 36.85 6.98
CA THR B 210 -3.50 37.53 5.75
C THR B 210 -4.87 37.10 5.23
N THR B 211 -5.73 38.09 4.92
CA THR B 211 -6.97 37.87 4.17
C THR B 211 -7.10 39.01 3.15
N VAL B 212 -6.58 38.76 1.95
CA VAL B 212 -6.46 39.80 0.95
C VAL B 212 -7.63 39.71 0.01
N ASP B 213 -8.19 40.85 -0.39
CA ASP B 213 -9.20 40.84 -1.45
C ASP B 213 -8.62 41.56 -2.66
N LYS B 214 -8.75 40.99 -3.85
CA LYS B 214 -8.35 41.70 -5.10
C LYS B 214 -9.45 41.71 -6.11
N LYS B 215 -9.79 42.89 -6.60
CA LYS B 215 -10.80 43.04 -7.64
C LYS B 215 -10.23 42.79 -9.01
N LEU B 216 -11.04 42.17 -9.85
CA LEU B 216 -10.70 41.87 -11.21
C LEU B 216 -11.48 42.92 -11.96
N CYS B 217 -10.76 43.82 -12.56
CA CYS B 217 -11.39 44.96 -13.23
C CYS B 217 -10.80 45.20 -14.61
N ARG B 218 -11.65 45.79 -15.46
CA ARG B 218 -11.29 46.65 -16.57
C ARG B 218 -11.83 46.12 -17.86
N ASP C 1 16.04 -6.27 1.40
CA ASP C 1 14.61 -6.05 1.51
C ASP C 1 13.93 -6.51 0.25
N ILE C 2 12.68 -6.96 0.36
CA ILE C 2 11.97 -7.42 -0.81
C ILE C 2 11.48 -6.20 -1.59
N VAL C 3 11.60 -6.24 -2.92
CA VAL C 3 11.14 -5.13 -3.75
C VAL C 3 9.79 -5.44 -4.37
N LEU C 4 8.87 -4.49 -4.34
CA LEU C 4 7.54 -4.72 -4.89
C LEU C 4 7.35 -3.77 -6.09
N THR C 5 6.88 -4.30 -7.21
CA THR C 5 6.68 -3.46 -8.41
C THR C 5 5.25 -3.52 -8.92
N GLN C 6 4.71 -2.37 -9.33
CA GLN C 6 3.33 -2.31 -9.82
C GLN C 6 3.31 -1.79 -11.25
N SER C 7 2.56 -2.50 -12.09
CA SER C 7 2.28 -2.12 -13.47
C SER C 7 0.79 -2.30 -13.76
N PRO C 8 0.30 -1.52 -14.74
CA PRO C 8 1.02 -0.37 -15.27
C PRO C 8 1.00 0.72 -14.20
N SER C 9 1.51 1.90 -14.46
CA SER C 9 1.56 2.91 -13.39
C SER C 9 0.31 3.78 -13.42
N SER C 10 -0.40 3.73 -14.53
CA SER C 10 -1.66 4.44 -14.67
C SER C 10 -2.63 3.60 -15.51
N ILE C 11 -3.90 3.62 -15.15
CA ILE C 11 -4.91 2.92 -15.93
C ILE C 11 -6.10 3.85 -16.13
N TYR C 12 -6.58 3.93 -17.37
CA TYR C 12 -7.79 4.66 -17.66
C TYR C 12 -8.86 3.66 -17.97
N ALA C 13 -10.00 3.81 -17.34
CA ALA C 13 -11.08 2.85 -17.57
C ALA C 13 -12.41 3.53 -17.52
N SER C 14 -13.40 2.92 -18.15
CA SER C 14 -14.75 3.42 -18.12
C SER C 14 -15.56 2.87 -16.98
N LEU C 15 -16.56 3.61 -16.54
CA LEU C 15 -17.50 3.09 -15.56
C LEU C 15 -18.08 1.76 -16.04
N GLY C 16 -18.12 0.76 -15.16
CA GLY C 16 -18.63 -0.55 -15.55
C GLY C 16 -17.63 -1.52 -16.13
N GLU C 17 -16.45 -1.04 -16.51
CA GLU C 17 -15.41 -1.91 -17.08
C GLU C 17 -14.74 -2.80 -16.01
N ARG C 18 -14.23 -3.97 -16.42
CA ARG C 18 -13.38 -4.79 -15.57
C ARG C 18 -11.98 -4.24 -15.57
N VAL C 19 -11.39 -4.07 -14.38
CA VAL C 19 -10.03 -3.56 -14.25
C VAL C 19 -9.16 -4.53 -13.46
N THR C 20 -7.96 -4.79 -13.93
CA THR C 20 -7.04 -5.65 -13.20
C THR C 20 -5.74 -4.92 -12.95
N LEU C 21 -5.31 -4.90 -11.70
CA LEU C 21 -4.04 -4.27 -11.33
C LEU C 21 -3.07 -5.34 -10.95
N THR C 22 -1.80 -5.15 -11.26
CA THR C 22 -0.85 -6.21 -11.00
C THR C 22 0.24 -5.78 -10.05
N CYS C 23 0.80 -6.75 -9.35
CA CYS C 23 1.87 -6.48 -8.42
C CYS C 23 2.84 -7.64 -8.51
N LYS C 24 4.15 -7.35 -8.48
CA LYS C 24 5.13 -8.43 -8.50
C LYS C 24 6.18 -8.19 -7.45
N ALA C 25 6.47 -9.24 -6.67
CA ALA C 25 7.50 -9.21 -5.65
C ALA C 25 8.81 -9.76 -6.19
N SER C 26 9.92 -9.37 -5.59
CA SER C 26 11.23 -9.87 -6.03
C SER C 26 11.53 -11.31 -5.58
N GLN C 27 10.72 -11.86 -4.68
CA GLN C 27 10.83 -13.26 -4.30
C GLN C 27 9.45 -13.73 -3.81
N ASP C 28 9.29 -15.04 -3.64
CA ASP C 28 8.06 -15.66 -3.14
C ASP C 28 7.73 -14.98 -1.81
N ILE C 29 6.52 -14.44 -1.69
CA ILE C 29 6.10 -13.77 -0.46
C ILE C 29 4.98 -14.54 0.24
N HIS C 30 4.71 -15.78 -0.20
CA HIS C 30 3.87 -16.70 0.57
C HIS C 30 2.48 -16.13 0.88
N ASN C 31 1.92 -15.41 -0.09
CA ASN C 31 0.58 -14.81 -0.01
C ASN C 31 0.46 -13.71 1.04
N TYR C 32 1.55 -13.27 1.63
CA TYR C 32 1.41 -12.16 2.60
C TYR C 32 1.44 -10.81 1.89
N LEU C 33 0.31 -10.45 1.30
CA LEU C 33 0.20 -9.24 0.52
C LEU C 33 -1.05 -8.45 0.93
N ASN C 34 -0.91 -7.14 1.07
CA ASN C 34 -2.06 -6.28 1.25
C ASN C 34 -2.24 -5.47 -0.03
N TRP C 35 -3.48 -5.07 -0.31
CA TRP C 35 -3.81 -4.00 -1.24
C TRP C 35 -4.48 -2.87 -0.48
N PHE C 36 -4.02 -1.65 -0.72
CA PHE C 36 -4.60 -0.45 -0.16
C PHE C 36 -5.10 0.44 -1.29
N GLN C 37 -6.16 1.20 -1.02
CA GLN C 37 -6.72 2.20 -1.94
C GLN C 37 -6.55 3.55 -1.26
N GLN C 38 -6.09 4.54 -1.99
CA GLN C 38 -5.99 5.89 -1.40
C GLN C 38 -6.59 6.96 -2.34
N LYS C 39 -7.50 7.77 -1.81
CA LYS C 39 -8.05 8.94 -2.53
C LYS C 39 -7.21 10.17 -2.23
N PRO C 40 -7.28 11.21 -3.10
CA PRO C 40 -6.46 12.40 -2.83
C PRO C 40 -6.75 13.08 -1.49
N GLY C 41 -5.68 13.47 -0.80
CA GLY C 41 -5.79 14.07 0.52
C GLY C 41 -6.30 13.16 1.63
N LYS C 42 -6.55 11.88 1.33
CA LYS C 42 -7.05 10.95 2.35
C LYS C 42 -6.00 9.88 2.66
N SER C 43 -6.21 9.17 3.77
CA SER C 43 -5.35 8.07 4.19
C SER C 43 -5.63 6.85 3.35
N PRO C 44 -4.65 5.95 3.24
CA PRO C 44 -4.91 4.67 2.60
C PRO C 44 -5.99 3.91 3.37
N LYS C 45 -6.65 3.01 2.66
CA LYS C 45 -7.70 2.16 3.24
C LYS C 45 -7.34 0.73 2.80
N THR C 46 -7.32 -0.21 3.75
CA THR C 46 -6.96 -1.59 3.39
C THR C 46 -8.16 -2.27 2.75
N LEU C 47 -7.93 -2.87 1.58
CA LEU C 47 -9.01 -3.63 0.89
C LEU C 47 -8.81 -5.12 0.95
N ILE C 48 -7.55 -5.55 0.88
CA ILE C 48 -7.22 -6.99 0.84
C ILE C 48 -6.11 -7.34 1.82
N TYR C 49 -6.20 -8.49 2.49
CA TYR C 49 -5.05 -8.99 3.23
C TYR C 49 -4.80 -10.43 2.86
N ARG C 50 -3.59 -10.92 3.12
CA ARG C 50 -3.25 -12.32 2.80
C ARG C 50 -3.56 -12.64 1.35
N ALA C 51 -3.35 -11.63 0.51
CA ALA C 51 -3.48 -11.73 -0.96
C ALA C 51 -4.89 -11.85 -1.51
N ASN C 52 -5.78 -12.56 -0.83
CA ASN C 52 -7.10 -12.82 -1.40
C ASN C 52 -8.27 -12.68 -0.44
N ARG C 53 -8.02 -12.20 0.77
CA ARG C 53 -9.12 -11.99 1.73
C ARG C 53 -9.63 -10.59 1.71
N LEU C 54 -10.94 -10.43 1.52
CA LEU C 54 -11.55 -9.12 1.45
C LEU C 54 -11.73 -8.59 2.85
N VAL C 55 -11.33 -7.34 3.06
CA VAL C 55 -11.59 -6.67 4.34
C VAL C 55 -13.10 -6.55 4.52
N ASP C 56 -13.56 -6.69 5.78
CA ASP C 56 -14.98 -6.69 6.06
C ASP C 56 -15.62 -5.42 5.49
N GLY C 57 -16.75 -5.59 4.81
CA GLY C 57 -17.46 -4.44 4.30
C GLY C 57 -17.01 -3.93 2.94
N VAL C 58 -15.88 -4.42 2.43
CA VAL C 58 -15.43 -4.01 1.08
C VAL C 58 -16.36 -4.66 0.05
N PRO C 59 -16.81 -3.88 -0.95
CA PRO C 59 -17.73 -4.40 -1.98
C PRO C 59 -17.24 -5.67 -2.68
N SER C 60 -18.15 -6.58 -2.99
CA SER C 60 -17.76 -7.87 -3.55
C SER C 60 -17.18 -7.73 -4.95
N ARG C 61 -17.26 -6.55 -5.52
CA ARG C 61 -16.69 -6.34 -6.85
C ARG C 61 -15.17 -6.39 -6.81
N PHE C 62 -14.60 -6.26 -5.63
CA PHE C 62 -13.17 -6.38 -5.49
C PHE C 62 -12.75 -7.80 -5.20
N SER C 63 -11.64 -8.24 -5.79
CA SER C 63 -11.08 -9.52 -5.37
C SER C 63 -9.59 -9.55 -5.60
N GLY C 64 -8.88 -10.26 -4.72
CA GLY C 64 -7.44 -10.42 -4.86
C GLY C 64 -7.04 -11.82 -5.26
N GLY C 65 -5.95 -11.93 -6.02
CA GLY C 65 -5.49 -13.24 -6.45
C GLY C 65 -3.99 -13.27 -6.62
N GLY C 66 -3.47 -14.47 -6.92
CA GLY C 66 -2.07 -14.66 -7.19
C GLY C 66 -1.41 -15.57 -6.17
N SER C 67 -0.13 -15.84 -6.39
CA SER C 67 0.67 -16.65 -5.49
C SER C 67 2.12 -16.47 -5.87
N GLY C 68 3.02 -16.96 -5.02
CA GLY C 68 4.44 -16.85 -5.29
C GLY C 68 4.84 -15.39 -5.37
N GLN C 69 5.18 -14.89 -6.56
CA GLN C 69 5.60 -13.49 -6.71
C GLN C 69 4.56 -12.60 -7.39
N ASP C 70 3.54 -13.20 -7.96
CA ASP C 70 2.68 -12.47 -8.88
C ASP C 70 1.26 -12.37 -8.37
N TYR C 71 0.81 -11.14 -8.13
CA TYR C 71 -0.53 -10.93 -7.55
C TYR C 71 -1.34 -9.96 -8.39
N SER C 72 -2.65 -9.98 -8.22
CA SER C 72 -3.49 -8.97 -8.84
C SER C 72 -4.68 -8.61 -7.99
N LEU C 73 -5.20 -7.42 -8.23
CA LEU C 73 -6.45 -6.96 -7.65
C LEU C 73 -7.35 -6.69 -8.83
N THR C 74 -8.57 -7.23 -8.81
CA THR C 74 -9.51 -7.04 -9.93
C THR C 74 -10.77 -6.38 -9.42
N ILE C 75 -11.23 -5.36 -10.13
CA ILE C 75 -12.51 -4.75 -9.81
C ILE C 75 -13.40 -5.24 -10.94
N SER C 76 -14.48 -5.96 -10.61
CA SER C 76 -15.25 -6.59 -11.67
C SER C 76 -16.05 -5.57 -12.51
N SER C 77 -16.42 -4.47 -11.89
CA SER C 77 -17.25 -3.45 -12.51
C SER C 77 -16.96 -2.08 -11.87
N LEU C 78 -16.11 -1.32 -12.55
CA LEU C 78 -15.61 -0.07 -12.00
C LEU C 78 -16.70 0.89 -11.59
N GLU C 79 -16.64 1.40 -10.36
CA GLU C 79 -17.56 2.44 -9.96
C GLU C 79 -16.80 3.73 -9.72
N PHE C 80 -17.50 4.86 -9.62
CA PHE C 80 -16.80 6.14 -9.54
C PHE C 80 -16.01 6.28 -8.23
N GLU C 81 -16.55 5.71 -7.16
CA GLU C 81 -15.87 5.81 -5.87
C GLU C 81 -14.63 4.93 -5.84
N ASP C 82 -14.40 4.15 -6.88
CA ASP C 82 -13.18 3.33 -6.95
C ASP C 82 -11.94 4.09 -7.51
N ILE C 83 -12.15 5.30 -8.02
CA ILE C 83 -11.05 6.02 -8.62
C ILE C 83 -10.10 6.45 -7.51
N GLY C 84 -8.79 6.26 -7.71
CA GLY C 84 -7.80 6.66 -6.73
C GLY C 84 -6.53 5.92 -7.08
N ILE C 85 -5.60 5.82 -6.13
CA ILE C 85 -4.34 5.09 -6.36
C ILE C 85 -4.31 3.81 -5.50
N TYR C 86 -3.83 2.71 -6.09
CA TYR C 86 -3.80 1.43 -5.42
C TYR C 86 -2.37 1.02 -5.17
N TYR C 87 -2.07 0.60 -3.93
CA TYR C 87 -0.74 0.15 -3.57
C TYR C 87 -0.78 -1.30 -3.07
N CYS C 88 0.20 -2.10 -3.46
CA CYS C 88 0.42 -3.41 -2.80
C CYS C 88 1.54 -3.32 -1.76
N LEU C 89 1.59 -4.32 -0.89
CA LEU C 89 2.66 -4.39 0.11
C LEU C 89 2.87 -5.84 0.47
N GLN C 90 4.11 -6.23 0.75
CA GLN C 90 4.39 -7.57 1.20
C GLN C 90 4.72 -7.45 2.67
N TYR C 91 4.34 -8.46 3.44
CA TYR C 91 4.73 -8.49 4.85
C TYR C 91 5.19 -9.90 5.20
N ASP C 92 5.75 -10.58 4.21
CA ASP C 92 6.36 -11.91 4.42
C ASP C 92 7.74 -11.80 5.06
N GLU C 93 8.52 -10.82 4.63
CA GLU C 93 9.81 -10.63 5.25
C GLU C 93 9.92 -9.17 5.68
N PHE C 94 10.11 -8.94 6.97
CA PHE C 94 10.25 -7.55 7.45
C PHE C 94 11.58 -6.99 7.04
N PRO C 95 11.64 -5.69 6.76
CA PRO C 95 10.54 -4.72 6.86
C PRO C 95 9.52 -4.89 5.77
N PRO C 96 8.22 -4.75 6.09
CA PRO C 96 7.22 -4.69 5.02
C PRO C 96 7.57 -3.61 4.01
N THR C 97 7.29 -3.86 2.74
CA THR C 97 7.63 -2.91 1.67
C THR C 97 6.47 -2.75 0.70
N PHE C 98 6.33 -1.53 0.20
CA PHE C 98 5.18 -1.15 -0.62
C PHE C 98 5.57 -1.12 -2.10
N GLY C 99 4.61 -1.38 -2.98
CA GLY C 99 4.82 -1.10 -4.40
C GLY C 99 4.67 0.39 -4.66
N GLY C 100 4.97 0.84 -5.88
CA GLY C 100 4.99 2.27 -6.21
C GLY C 100 3.62 2.84 -6.52
N GLY C 101 2.62 1.97 -6.64
CA GLY C 101 1.26 2.46 -6.82
C GLY C 101 0.77 2.43 -8.28
N THR C 102 -0.53 2.22 -8.47
CA THR C 102 -1.12 2.30 -9.79
C THR C 102 -2.30 3.21 -9.69
N ARG C 103 -2.28 4.29 -10.47
CA ARG C 103 -3.39 5.20 -10.42
C ARG C 103 -4.45 4.74 -11.39
N LEU C 104 -5.67 4.74 -10.89
CA LEU C 104 -6.83 4.37 -11.66
C LEU C 104 -7.61 5.64 -11.93
N GLU C 105 -7.73 6.00 -13.22
CA GLU C 105 -8.46 7.21 -13.62
C GLU C 105 -9.55 6.91 -14.63
N ILE C 106 -10.44 7.87 -14.84
CA ILE C 106 -11.62 7.66 -15.68
C ILE C 106 -11.39 8.07 -17.12
N LYS C 107 -11.72 7.17 -18.04
CA LYS C 107 -11.77 7.49 -19.46
C LYS C 107 -12.96 8.36 -19.81
N ARG C 108 -12.75 9.32 -20.71
CA ARG C 108 -13.87 10.12 -21.22
C ARG C 108 -13.50 10.55 -22.63
N ALA C 109 -14.43 11.25 -23.30
CA ALA C 109 -14.25 11.73 -24.67
C ALA C 109 -13.18 12.78 -24.68
N ASP C 110 -12.40 12.86 -25.77
CA ASP C 110 -11.33 13.87 -25.85
C ASP C 110 -11.94 15.26 -25.79
N ALA C 111 -11.22 16.21 -25.19
CA ALA C 111 -11.74 17.57 -25.07
C ALA C 111 -10.57 18.52 -25.22
N ALA C 112 -10.74 19.52 -26.10
CA ALA C 112 -9.73 20.55 -26.33
C ALA C 112 -9.67 21.50 -25.15
N PRO C 113 -8.47 22.04 -24.88
CA PRO C 113 -8.37 22.97 -23.76
C PRO C 113 -8.95 24.33 -24.07
N THR C 114 -9.42 25.03 -23.04
CA THR C 114 -9.78 26.42 -23.18
C THR C 114 -8.55 27.16 -22.72
N VAL C 115 -7.98 27.98 -23.60
CA VAL C 115 -6.70 28.61 -23.32
C VAL C 115 -6.92 30.09 -23.10
N SER C 116 -6.30 30.66 -22.06
CA SER C 116 -6.47 32.09 -21.76
C SER C 116 -5.12 32.61 -21.37
N ILE C 117 -4.75 33.78 -21.89
CA ILE C 117 -3.47 34.33 -21.53
C ILE C 117 -3.68 35.68 -20.84
N PHE C 118 -2.84 35.93 -19.87
CA PHE C 118 -2.93 37.13 -19.03
C PHE C 118 -1.62 37.85 -18.91
N PRO C 119 -1.64 39.16 -19.18
CA PRO C 119 -0.44 39.97 -18.94
C PRO C 119 -0.18 40.15 -17.45
N PRO C 120 1.07 40.47 -17.07
CA PRO C 120 1.40 40.88 -15.71
C PRO C 120 0.50 42.01 -15.27
N SER C 121 0.16 42.03 -13.98
CA SER C 121 -0.69 43.09 -13.47
C SER C 121 0.21 44.28 -13.17
N SER C 122 -0.38 45.49 -13.17
CA SER C 122 0.39 46.70 -12.85
C SER C 122 0.94 46.60 -11.45
N GLU C 123 0.22 45.89 -10.58
CA GLU C 123 0.69 45.75 -9.21
C GLU C 123 1.99 44.94 -9.19
N GLN C 124 2.09 43.87 -9.99
CA GLN C 124 3.35 43.11 -9.97
C GLN C 124 4.50 43.91 -10.59
N LEU C 125 4.17 44.70 -11.62
CA LEU C 125 5.18 45.43 -12.37
C LEU C 125 5.75 46.48 -11.45
N THR C 126 4.86 47.17 -10.76
CA THR C 126 5.26 48.22 -9.81
C THR C 126 6.24 47.67 -8.78
N SER C 127 6.30 46.35 -8.65
CA SER C 127 7.25 45.74 -7.73
C SER C 127 8.42 45.07 -8.45
N GLY C 128 8.52 45.27 -9.76
CA GLY C 128 9.71 44.86 -10.49
C GLY C 128 9.67 43.46 -11.09
N GLY C 129 8.55 42.77 -10.94
CA GLY C 129 8.41 41.43 -11.48
C GLY C 129 7.44 41.39 -12.63
N ALA C 130 7.48 40.32 -13.42
CA ALA C 130 6.53 40.18 -14.50
C ALA C 130 6.25 38.72 -14.79
N SER C 131 5.18 38.18 -14.20
CA SER C 131 4.70 36.85 -14.55
C SER C 131 3.63 36.90 -15.65
N VAL C 132 3.79 36.12 -16.73
CA VAL C 132 2.76 36.04 -17.75
C VAL C 132 2.12 34.68 -17.51
N VAL C 133 0.80 34.61 -17.49
CA VAL C 133 0.14 33.34 -17.10
C VAL C 133 -0.74 32.88 -18.22
N CYS C 134 -0.72 31.57 -18.46
CA CYS C 134 -1.61 30.95 -19.41
C CYS C 134 -2.33 29.81 -18.69
N PHE C 135 -3.66 29.78 -18.78
CA PHE C 135 -4.43 28.64 -18.24
C PHE C 135 -4.86 27.82 -19.42
N LEU C 136 -4.75 26.50 -19.26
CA LEU C 136 -5.21 25.59 -20.26
C LEU C 136 -6.20 24.70 -19.57
N ASN C 137 -7.50 24.94 -19.77
CA ASN C 137 -8.46 24.36 -18.84
C ASN C 137 -9.39 23.33 -19.50
N ASN C 138 -9.78 22.36 -18.68
CA ASN C 138 -10.75 21.33 -19.02
C ASN C 138 -10.49 20.58 -20.32
N PHE C 139 -9.32 19.94 -20.40
CA PHE C 139 -8.96 19.14 -21.58
C PHE C 139 -8.86 17.66 -21.26
N TYR C 140 -8.86 16.82 -22.29
CA TYR C 140 -8.63 15.39 -22.10
C TYR C 140 -8.20 14.84 -23.45
N PRO C 141 -7.14 14.01 -23.50
CA PRO C 141 -6.45 13.44 -22.34
C PRO C 141 -5.42 14.37 -21.75
N LYS C 142 -4.67 13.90 -20.75
CA LYS C 142 -3.80 14.75 -19.93
C LYS C 142 -2.58 15.27 -20.65
N ASP C 143 -2.18 14.54 -21.69
CA ASP C 143 -0.99 14.87 -22.44
C ASP C 143 -1.20 16.18 -23.16
N ILE C 144 -0.29 17.14 -22.96
CA ILE C 144 -0.42 18.45 -23.62
C ILE C 144 0.94 19.13 -23.72
N ASN C 145 1.15 19.91 -24.80
CA ASN C 145 2.38 20.71 -24.94
C ASN C 145 2.07 22.21 -24.91
N VAL C 146 2.76 22.97 -24.10
CA VAL C 146 2.56 24.41 -24.14
C VAL C 146 3.88 25.08 -24.57
N LYS C 147 3.80 25.97 -25.56
CA LYS C 147 5.01 26.69 -25.96
C LYS C 147 4.77 28.16 -25.74
N TRP C 148 5.79 28.87 -25.25
CA TRP C 148 5.73 30.33 -25.13
C TRP C 148 6.54 30.99 -26.24
N LYS C 149 5.96 31.96 -26.93
CA LYS C 149 6.71 32.74 -27.92
C LYS C 149 6.68 34.23 -27.56
N ILE C 150 7.84 34.87 -27.65
CA ILE C 150 7.93 36.28 -27.38
C ILE C 150 8.45 36.94 -28.67
N ASP C 151 7.72 37.92 -29.19
CA ASP C 151 8.04 38.53 -30.49
C ASP C 151 8.27 37.42 -31.51
N GLY C 152 7.52 36.34 -31.36
CA GLY C 152 7.46 35.29 -32.38
C GLY C 152 8.54 34.24 -32.24
N SER C 153 9.46 34.45 -31.30
CA SER C 153 10.50 33.45 -31.05
C SER C 153 10.20 32.71 -29.76
N GLU C 154 10.49 31.41 -29.76
CA GLU C 154 10.23 30.57 -28.61
C GLU C 154 11.00 31.00 -27.40
N ARG C 155 10.25 31.27 -26.34
CA ARG C 155 10.85 31.52 -25.05
C ARG C 155 11.24 30.20 -24.45
N GLN C 156 12.54 30.12 -24.21
CA GLN C 156 13.21 28.92 -23.71
C GLN C 156 13.09 28.73 -22.16
N ASN C 157 13.17 29.84 -21.43
CA ASN C 157 13.51 29.80 -20.01
C ASN C 157 12.54 30.52 -19.09
N GLY C 158 12.38 29.99 -17.88
CA GLY C 158 11.55 30.64 -16.88
C GLY C 158 10.09 30.22 -16.89
N VAL C 159 9.83 28.96 -17.23
CA VAL C 159 8.48 28.40 -17.28
C VAL C 159 8.19 27.45 -16.11
N LEU C 160 7.14 27.75 -15.36
CA LEU C 160 6.64 26.83 -14.33
C LEU C 160 5.28 26.33 -14.77
N ASN C 161 5.10 25.01 -14.73
CA ASN C 161 3.86 24.37 -15.15
C ASN C 161 3.22 23.58 -14.01
N SER C 162 1.91 23.70 -13.85
CA SER C 162 1.25 22.97 -12.78
C SER C 162 -0.04 22.34 -13.28
N TRP C 163 -0.27 21.08 -12.94
CA TRP C 163 -1.45 20.33 -13.38
C TRP C 163 -2.39 19.98 -12.27
N THR C 164 -3.70 20.09 -12.53
CA THR C 164 -4.67 19.64 -11.54
C THR C 164 -4.80 18.10 -11.65
N ASP C 165 -5.39 17.49 -10.62
CA ASP C 165 -5.82 16.07 -10.73
C ASP C 165 -7.06 16.00 -11.59
N GLN C 166 -7.44 14.80 -12.03
CA GLN C 166 -8.63 14.68 -12.85
C GLN C 166 -9.84 15.25 -12.12
N ASP C 167 -10.65 15.99 -12.85
CA ASP C 167 -11.81 16.66 -12.28
C ASP C 167 -12.89 15.65 -11.91
N SER C 168 -13.46 15.81 -10.71
CA SER C 168 -14.47 14.87 -10.22
C SER C 168 -15.71 14.89 -11.09
N LYS C 169 -16.06 16.08 -11.59
CA LYS C 169 -17.31 16.21 -12.35
C LYS C 169 -17.24 15.84 -13.82
N ASP C 170 -16.23 16.34 -14.55
CA ASP C 170 -16.20 16.14 -15.99
C ASP C 170 -15.00 15.34 -16.48
N SER C 171 -14.19 14.88 -15.53
CA SER C 171 -13.07 13.96 -15.80
C SER C 171 -11.98 14.58 -16.63
N THR C 172 -11.93 15.91 -16.67
CA THR C 172 -10.91 16.56 -17.47
C THR C 172 -9.74 16.97 -16.60
N TYR C 173 -8.69 17.45 -17.26
CA TYR C 173 -7.51 18.00 -16.58
C TYR C 173 -7.37 19.49 -16.89
N SER C 174 -6.66 20.21 -16.04
CA SER C 174 -6.37 21.62 -16.38
C SER C 174 -4.92 21.87 -16.04
N MET C 175 -4.30 22.92 -16.60
CA MET C 175 -2.90 23.18 -16.31
C MET C 175 -2.67 24.68 -16.34
N SER C 176 -1.74 25.14 -15.52
CA SER C 176 -1.33 26.56 -15.63
C SER C 176 0.09 26.56 -16.08
N SER C 177 0.44 27.55 -16.89
CA SER C 177 1.83 27.69 -17.31
C SER C 177 2.20 29.14 -17.06
N THR C 178 3.29 29.35 -16.33
CA THR C 178 3.70 30.71 -15.99
C THR C 178 5.09 31.04 -16.48
N LEU C 179 5.18 32.12 -17.25
CA LEU C 179 6.46 32.59 -17.73
C LEU C 179 6.86 33.73 -16.81
N THR C 180 7.89 33.57 -15.99
CA THR C 180 8.27 34.69 -15.12
C THR C 180 9.55 35.36 -15.62
N LEU C 181 9.54 36.68 -15.64
CA LEU C 181 10.60 37.48 -16.25
C LEU C 181 10.87 38.60 -15.29
N THR C 182 12.02 39.28 -15.41
CA THR C 182 12.14 40.53 -14.67
C THR C 182 11.30 41.53 -15.43
N LYS C 183 10.95 42.60 -14.75
CA LYS C 183 10.21 43.69 -15.34
C LYS C 183 10.97 44.25 -16.55
N ASP C 184 12.28 44.41 -16.41
CA ASP C 184 13.08 44.88 -17.53
C ASP C 184 13.00 43.94 -18.72
N GLU C 185 13.17 42.64 -18.48
CA GLU C 185 13.06 41.67 -19.57
C GLU C 185 11.69 41.77 -20.26
N TYR C 186 10.62 41.87 -19.46
CA TYR C 186 9.26 41.91 -20.00
C TYR C 186 9.10 43.14 -20.93
N GLU C 187 9.58 44.28 -20.46
CA GLU C 187 9.50 45.53 -21.23
C GLU C 187 10.39 45.60 -22.48
N ARG C 188 11.26 44.61 -22.66
CA ARG C 188 12.11 44.51 -23.86
C ARG C 188 11.29 44.10 -25.08
N HIS C 189 10.15 43.46 -24.85
CA HIS C 189 9.40 42.92 -26.00
C HIS C 189 7.98 43.41 -26.04
N ASN C 190 7.28 43.08 -27.13
CA ASN C 190 5.93 43.55 -27.35
C ASN C 190 4.92 42.40 -27.28
N SER C 191 5.15 41.34 -28.03
CA SER C 191 4.09 40.33 -28.17
C SER C 191 4.40 39.07 -27.36
N TYR C 192 3.36 38.55 -26.71
CA TYR C 192 3.47 37.37 -25.84
C TYR C 192 2.43 36.34 -26.24
N THR C 193 2.86 35.11 -26.45
CA THR C 193 1.98 34.10 -27.01
C THR C 193 2.11 32.79 -26.23
N CYS C 194 0.95 32.23 -25.89
CA CYS C 194 0.84 30.93 -25.26
C CYS C 194 0.28 30.04 -26.34
N GLU C 195 0.95 28.95 -26.68
CA GLU C 195 0.39 28.08 -27.71
C GLU C 195 0.33 26.61 -27.28
N ALA C 196 -0.85 26.03 -27.41
CA ALA C 196 -1.08 24.71 -26.87
C ALA C 196 -1.29 23.76 -28.02
N THR C 197 -0.57 22.64 -27.97
CA THR C 197 -0.77 21.55 -28.91
C THR C 197 -1.34 20.34 -28.18
N HIS C 198 -2.44 19.83 -28.70
CA HIS C 198 -3.20 18.78 -28.03
C HIS C 198 -3.81 17.90 -29.10
N LYS C 199 -4.05 16.63 -28.77
CA LYS C 199 -4.43 15.67 -29.83
C LYS C 199 -5.78 15.96 -30.45
N THR C 200 -6.57 16.81 -29.81
CA THR C 200 -7.90 17.14 -30.27
C THR C 200 -7.89 17.98 -31.55
N SER C 201 -6.72 18.46 -31.95
CA SER C 201 -6.59 19.29 -33.17
C SER C 201 -5.17 19.30 -33.71
N THR C 202 -5.05 19.31 -35.03
CA THR C 202 -3.77 19.35 -35.73
C THR C 202 -3.14 20.74 -35.61
N SER C 203 -4.00 21.76 -35.50
CA SER C 203 -3.57 23.14 -35.36
C SER C 203 -3.47 23.53 -33.87
N PRO C 204 -2.34 24.12 -33.47
CA PRO C 204 -2.16 24.65 -32.09
C PRO C 204 -3.23 25.67 -31.77
N ILE C 205 -3.61 25.75 -30.49
CA ILE C 205 -4.48 26.83 -30.10
C ILE C 205 -3.51 27.93 -29.69
N VAL C 206 -3.75 29.15 -30.15
CA VAL C 206 -2.80 30.25 -29.93
C VAL C 206 -3.51 31.42 -29.27
N LYS C 207 -2.98 31.91 -28.14
CA LYS C 207 -3.53 33.12 -27.52
C LYS C 207 -2.38 34.06 -27.29
N SER C 208 -2.60 35.33 -27.63
CA SER C 208 -1.54 36.34 -27.57
C SER C 208 -2.07 37.64 -27.03
N PHE C 209 -1.14 38.49 -26.60
CA PHE C 209 -1.45 39.90 -26.41
C PHE C 209 -0.24 40.68 -26.85
N ASN C 210 -0.48 41.94 -27.17
CA ASN C 210 0.54 42.88 -27.59
C ASN C 210 0.60 44.01 -26.60
N ARG C 211 1.79 44.25 -26.07
CA ARG C 211 1.92 45.24 -24.99
C ARG C 211 1.50 46.62 -25.47
N ASN C 212 1.60 46.88 -26.77
CA ASN C 212 1.13 48.16 -27.29
C ASN C 212 -0.36 48.16 -27.71
C1 EDO D . -12.24 -36.74 -3.25
O1 EDO D . -12.85 -36.21 -2.07
C2 EDO D . -12.09 -35.65 -4.30
O2 EDO D . -10.96 -34.81 -3.97
C1 EDO E . -4.76 -27.64 5.65
O1 EDO E . -3.82 -27.65 4.58
C2 EDO E . -6.12 -27.86 5.02
O2 EDO E . -6.01 -28.98 4.13
C1 EDO F . -6.68 -26.88 24.72
O1 EDO F . -6.98 -28.27 24.41
C2 EDO F . -7.49 -26.31 25.89
O2 EDO F . -8.90 -26.43 25.58
C1 EDO G . 15.56 8.32 7.77
O1 EDO G . 16.46 9.43 7.67
C2 EDO G . 14.61 8.35 6.57
O2 EDO G . 15.16 7.72 5.43
C1 EDO H . 3.21 1.80 29.99
O1 EDO H . 2.27 2.23 29.02
C2 EDO H . 3.21 0.28 29.92
O2 EDO H . 3.66 -0.07 28.61
C1 EDO I . -9.38 2.72 24.15
O1 EDO I . -9.67 2.32 22.81
C2 EDO I . -9.29 1.46 25.00
O2 EDO I . -8.01 0.86 24.78
C1 EDO J . -3.43 13.80 6.21
O1 EDO J . -3.19 13.92 4.77
C2 EDO J . -2.23 14.32 7.01
O2 EDO J . -2.23 15.74 7.08
C1 EDO K . -6.96 36.23 11.23
O1 EDO K . -5.78 36.06 12.05
C2 EDO K . -6.53 36.17 9.77
O2 EDO K . -5.96 34.90 9.53
C1 EDO L . -3.12 11.27 -0.40
O1 EDO L . -3.35 11.82 0.91
C2 EDO L . -1.97 12.01 -1.07
O2 EDO L . -2.52 13.19 -1.66
#